data_2H3T
#
_entry.id   2H3T
#
_cell.length_a   1.000
_cell.length_b   1.000
_cell.length_c   1.000
_cell.angle_alpha   90.00
_cell.angle_beta   90.00
_cell.angle_gamma   90.00
#
_symmetry.space_group_name_H-M   'P 1'
#
loop_
_entity.id
_entity.type
_entity.pdbx_description
1 polymer 'Pancreatic hormone'
2 polymer 'Pancreatic hormone'
3 non-polymer '(3-{(E)-[3-(AMINOMETHYL)PHENYL]DIAZENYL}PHENYL)ACETIC ACID'
#
loop_
_entity_poly.entity_id
_entity_poly.type
_entity_poly.pdbx_seq_one_letter_code
_entity_poly.pdbx_strand_id
1 'polypeptide(L)' GPSQPTYPG A
2 'polypeptide(L)' PVEDLIRFYNDLQQYLNVVTRHRY(NH2) B
#
# COMPACT_ATOMS: atom_id res chain seq x y z
N GLY A 1 20.37 1.08 1.04
CA GLY A 1 19.08 1.35 1.69
C GLY A 1 19.15 2.63 2.51
N PRO A 2 18.09 2.96 3.28
CA PRO A 2 18.06 4.15 4.13
C PRO A 2 19.13 4.03 5.22
N SER A 3 19.60 5.17 5.73
CA SER A 3 20.62 5.19 6.77
C SER A 3 20.00 5.06 8.16
N GLN A 4 18.71 5.34 8.30
CA GLN A 4 17.97 5.28 9.55
C GLN A 4 16.58 4.70 9.29
N PRO A 5 16.47 3.38 9.05
CA PRO A 5 15.18 2.76 8.80
C PRO A 5 14.30 2.89 10.05
N THR A 6 13.01 3.20 9.87
CA THR A 6 12.07 3.33 10.97
C THR A 6 11.75 1.91 11.46
N TYR A 7 11.37 1.78 12.74
CA TYR A 7 11.05 0.50 13.38
C TYR A 7 9.81 0.63 14.26
N PRO A 8 9.15 -0.48 14.60
CA PRO A 8 7.97 -0.47 15.46
C PRO A 8 8.41 -0.29 16.92
N GLY A 9 7.47 -0.31 17.87
CA GLY A 9 7.82 -0.17 19.28
C GLY A 9 8.21 1.24 19.73
N PRO B 1 6.68 8.54 9.83
CA PRO B 1 6.61 8.98 8.46
C PRO B 1 5.16 8.97 8.06
N VAL B 2 4.76 9.85 7.14
CA VAL B 2 3.38 9.95 6.70
C VAL B 2 3.29 9.99 5.19
N GLU B 3 4.18 10.69 4.50
CA GLU B 3 4.13 10.78 3.05
C GLU B 3 4.44 9.40 2.48
N ASP B 4 5.56 8.81 2.90
CA ASP B 4 5.98 7.48 2.45
C ASP B 4 4.97 6.41 2.88
N LEU B 5 4.27 6.64 4.00
CA LEU B 5 3.29 5.74 4.57
C LEU B 5 2.04 5.68 3.68
N ILE B 6 1.41 6.83 3.42
CA ILE B 6 0.21 6.84 2.57
C ILE B 6 0.58 6.54 1.11
N ARG B 7 1.79 6.88 0.65
CA ARG B 7 2.23 6.63 -0.71
C ARG B 7 2.39 5.13 -0.98
N PHE B 8 2.64 4.36 0.08
CA PHE B 8 2.77 2.91 0.02
C PHE B 8 1.37 2.30 -0.03
N TYR B 9 0.43 2.91 0.69
CA TYR B 9 -0.96 2.49 0.75
C TYR B 9 -1.66 2.72 -0.60
N ASN B 10 -1.59 3.94 -1.12
CA ASN B 10 -2.20 4.38 -2.38
C ASN B 10 -1.71 3.59 -3.59
N ASP B 11 -0.45 3.18 -3.60
CA ASP B 11 0.16 2.43 -4.71
C ASP B 11 -0.42 1.03 -4.89
N LEU B 12 -1.00 0.47 -3.82
CA LEU B 12 -1.62 -0.85 -3.86
C LEU B 12 -3.14 -0.72 -3.81
N GLN B 13 -3.66 0.45 -3.38
CA GLN B 13 -5.09 0.74 -3.30
C GLN B 13 -5.71 0.58 -4.69
N GLN B 14 -5.00 1.05 -5.71
CA GLN B 14 -5.43 0.97 -7.11
C GLN B 14 -5.62 -0.50 -7.49
N TYR B 15 -4.67 -1.35 -7.13
CA TYR B 15 -4.73 -2.78 -7.44
C TYR B 15 -5.88 -3.45 -6.68
N LEU B 16 -6.48 -2.79 -5.70
CA LEU B 16 -7.59 -3.26 -4.90
C LEU B 16 -8.92 -2.55 -5.21
N ASN B 17 -8.93 -1.54 -6.08
CA ASN B 17 -10.11 -0.77 -6.48
C ASN B 17 -10.36 -0.89 -7.98
N VAL B 18 -9.29 -0.92 -8.75
CA VAL B 18 -9.29 -1.01 -10.20
C VAL B 18 -9.24 -2.47 -10.66
N VAL B 19 -8.60 -3.40 -9.93
CA VAL B 19 -8.57 -4.79 -10.40
C VAL B 19 -9.81 -5.49 -9.90
N THR B 20 -10.26 -5.17 -8.70
CA THR B 20 -11.46 -5.72 -8.11
C THR B 20 -12.68 -5.31 -8.93
N ARG B 21 -12.56 -4.24 -9.73
CA ARG B 21 -13.61 -3.73 -10.60
C ARG B 21 -13.98 -4.73 -11.68
N HIS B 22 -13.12 -5.71 -11.88
CA HIS B 22 -13.22 -6.81 -12.82
C HIS B 22 -13.55 -8.06 -11.99
N ARG B 23 -14.56 -7.93 -11.12
CA ARG B 23 -15.09 -8.95 -10.21
C ARG B 23 -13.99 -9.69 -9.44
N TYR B 24 -12.84 -9.06 -9.20
CA TYR B 24 -11.74 -9.69 -8.50
C TYR B 24 -11.91 -9.53 -6.99
N GLY A 1 5.17 -0.02 7.47
CA GLY A 1 5.15 -1.19 8.35
C GLY A 1 3.80 -1.28 9.06
N PRO A 2 3.69 -2.10 10.12
CA PRO A 2 2.45 -2.25 10.86
C PRO A 2 2.09 -0.98 11.63
N SER A 3 0.78 -0.69 11.67
CA SER A 3 0.17 0.45 12.36
C SER A 3 -1.26 0.04 12.71
N GLN A 4 -1.94 0.84 13.54
CA GLN A 4 -3.32 0.60 13.93
C GLN A 4 -3.91 1.98 14.31
N PRO A 5 -3.98 2.95 13.37
CA PRO A 5 -4.52 4.26 13.67
C PRO A 5 -6.00 4.18 13.98
N THR A 6 -6.45 4.93 14.98
CA THR A 6 -7.83 4.99 15.43
C THR A 6 -8.32 6.41 15.72
N TYR A 7 -7.43 7.41 15.68
CA TYR A 7 -7.77 8.81 15.92
C TYR A 7 -7.13 9.70 14.85
N PRO A 8 -7.75 9.86 13.67
CA PRO A 8 -7.22 10.72 12.63
C PRO A 8 -7.35 12.16 13.15
N GLY A 9 -6.24 12.78 13.54
CA GLY A 9 -6.19 14.15 14.08
C GLY A 9 -5.10 14.30 15.13
N PRO B 1 4.82 11.96 7.92
CA PRO B 1 5.62 11.68 6.72
C PRO B 1 4.55 11.06 5.76
N VAL B 2 3.37 11.68 5.70
CA VAL B 2 2.17 11.35 4.97
C VAL B 2 2.40 11.20 3.48
N GLU B 3 3.29 11.97 2.86
CA GLU B 3 3.52 11.85 1.41
C GLU B 3 4.34 10.62 1.02
N ASP B 4 4.63 9.77 1.99
CA ASP B 4 5.35 8.52 1.88
C ASP B 4 4.38 7.47 2.41
N LEU B 5 3.81 7.68 3.59
CA LEU B 5 2.86 6.77 4.22
C LEU B 5 1.63 6.54 3.34
N ILE B 6 0.97 7.60 2.83
CA ILE B 6 -0.22 7.35 2.00
C ILE B 6 0.20 6.86 0.64
N ARG B 7 1.39 7.24 0.15
CA ARG B 7 1.85 6.79 -1.16
C ARG B 7 2.13 5.30 -1.16
N PHE B 8 2.46 4.77 0.01
CA PHE B 8 2.72 3.36 0.22
C PHE B 8 1.39 2.62 0.10
N TYR B 9 0.34 3.18 0.73
CA TYR B 9 -0.98 2.59 0.71
C TYR B 9 -1.60 2.70 -0.68
N ASN B 10 -1.44 3.83 -1.35
CA ASN B 10 -1.99 4.08 -2.67
C ASN B 10 -1.38 3.17 -3.74
N ASP B 11 -0.13 2.77 -3.57
CA ASP B 11 0.58 1.90 -4.51
C ASP B 11 -0.11 0.53 -4.60
N LEU B 12 -0.82 0.11 -3.54
CA LEU B 12 -1.54 -1.16 -3.48
C LEU B 12 -3.06 -0.99 -3.47
N GLN B 13 -3.59 0.10 -2.91
CA GLN B 13 -5.02 0.36 -2.84
C GLN B 13 -5.60 0.56 -4.26
N GLN B 14 -4.79 1.06 -5.20
CA GLN B 14 -5.24 1.27 -6.57
C GLN B 14 -5.64 -0.07 -7.23
N TYR B 15 -4.88 -1.12 -6.94
CA TYR B 15 -5.09 -2.47 -7.45
C TYR B 15 -6.50 -2.93 -7.11
N LEU B 16 -6.88 -3.02 -5.84
CA LEU B 16 -8.21 -3.45 -5.46
C LEU B 16 -9.32 -2.60 -6.08
N ASN B 17 -9.07 -1.30 -6.18
CA ASN B 17 -10.00 -0.31 -6.72
C ASN B 17 -10.22 -0.35 -8.22
N VAL B 18 -9.32 -0.98 -8.97
CA VAL B 18 -9.41 -1.06 -10.43
C VAL B 18 -9.31 -2.47 -10.99
N VAL B 19 -8.58 -3.38 -10.35
CA VAL B 19 -8.45 -4.73 -10.83
C VAL B 19 -9.71 -5.50 -10.49
N THR B 20 -9.93 -5.73 -9.21
CA THR B 20 -11.08 -6.47 -8.75
C THR B 20 -12.38 -5.71 -8.96
N ARG B 21 -12.34 -4.37 -9.00
CA ARG B 21 -13.57 -3.59 -9.20
C ARG B 21 -14.13 -3.78 -10.60
N HIS B 22 -13.31 -4.30 -11.50
CA HIS B 22 -13.65 -4.60 -12.87
C HIS B 22 -13.95 -6.10 -12.96
N ARG B 23 -14.73 -6.56 -11.98
CA ARG B 23 -15.21 -7.92 -11.78
C ARG B 23 -14.14 -8.97 -12.08
N TYR B 24 -12.99 -8.84 -11.41
CA TYR B 24 -11.86 -9.74 -11.55
C TYR B 24 -11.69 -10.48 -10.22
N GLY A 1 7.97 -1.77 31.25
CA GLY A 1 7.09 -2.93 31.42
C GLY A 1 7.87 -4.16 31.00
N PRO A 2 7.93 -5.22 31.84
CA PRO A 2 8.69 -6.43 31.55
C PRO A 2 8.09 -7.27 30.40
N SER A 3 8.16 -6.76 29.18
CA SER A 3 7.68 -7.37 27.95
C SER A 3 8.76 -7.24 26.87
N GLN A 4 8.42 -7.63 25.65
CA GLN A 4 9.26 -7.59 24.47
C GLN A 4 8.37 -7.35 23.23
N PRO A 5 7.68 -6.19 23.12
CA PRO A 5 6.83 -5.89 21.97
C PRO A 5 7.68 -5.86 20.70
N THR A 6 7.44 -6.75 19.74
CA THR A 6 8.23 -6.73 18.51
C THR A 6 7.83 -5.44 17.77
N TYR A 7 8.76 -4.49 17.60
CA TYR A 7 8.51 -3.21 16.93
C TYR A 7 7.41 -2.47 17.72
N PRO A 8 7.71 -1.91 18.91
CA PRO A 8 6.70 -1.21 19.70
C PRO A 8 6.11 -0.02 18.95
N GLY A 9 4.91 0.37 19.35
CA GLY A 9 4.18 1.48 18.78
C GLY A 9 3.75 2.43 19.88
N PRO B 1 5.71 9.24 10.17
CA PRO B 1 6.00 9.20 8.75
C PRO B 1 4.65 9.48 8.08
N VAL B 2 4.62 10.29 7.03
CA VAL B 2 3.36 10.62 6.38
C VAL B 2 3.46 10.41 4.88
N GLU B 3 4.38 11.11 4.20
CA GLU B 3 4.53 11.01 2.75
C GLU B 3 4.77 9.59 2.27
N ASP B 4 5.74 8.89 2.85
CA ASP B 4 6.04 7.52 2.43
C ASP B 4 4.95 6.57 2.92
N LEU B 5 4.39 6.81 4.10
CA LEU B 5 3.36 5.98 4.69
C LEU B 5 2.08 5.98 3.85
N ILE B 6 1.60 7.14 3.42
CA ILE B 6 0.39 7.23 2.60
C ILE B 6 0.72 6.68 1.22
N ARG B 7 1.93 6.95 0.69
CA ARG B 7 2.28 6.43 -0.63
C ARG B 7 2.35 4.91 -0.62
N PHE B 8 2.61 4.32 0.56
CA PHE B 8 2.71 2.89 0.79
C PHE B 8 1.33 2.24 1.01
N TYR B 9 0.26 2.97 0.72
CA TYR B 9 -1.10 2.50 0.81
C TYR B 9 -1.81 2.93 -0.47
N ASN B 10 -1.64 4.19 -0.86
CA ASN B 10 -2.22 4.80 -2.03
C ASN B 10 -1.79 4.08 -3.31
N ASP B 11 -0.51 3.70 -3.47
CA ASP B 11 -0.09 3.04 -4.72
C ASP B 11 -0.57 1.59 -4.78
N LEU B 12 -0.44 0.87 -3.67
CA LEU B 12 -0.84 -0.53 -3.51
C LEU B 12 -2.36 -0.69 -3.47
N GLN B 13 -3.14 0.38 -3.58
CA GLN B 13 -4.58 0.34 -3.57
C GLN B 13 -5.16 0.46 -4.99
N GLN B 14 -4.39 0.95 -5.99
CA GLN B 14 -4.96 1.06 -7.33
C GLN B 14 -5.36 -0.30 -7.89
N TYR B 15 -4.48 -1.31 -7.79
CA TYR B 15 -4.78 -2.65 -8.30
C TYR B 15 -5.71 -3.41 -7.36
N LEU B 16 -6.19 -2.79 -6.28
CA LEU B 16 -7.14 -3.37 -5.34
C LEU B 16 -8.51 -2.71 -5.57
N ASN B 17 -8.58 -1.63 -6.36
CA ASN B 17 -9.78 -0.87 -6.70
C ASN B 17 -10.15 -1.13 -8.16
N VAL B 18 -9.14 -1.25 -9.02
CA VAL B 18 -9.32 -1.51 -10.44
C VAL B 18 -9.65 -3.00 -10.65
N VAL B 19 -8.99 -3.91 -9.90
CA VAL B 19 -9.21 -5.35 -10.05
C VAL B 19 -10.58 -5.80 -9.61
N THR B 20 -10.99 -5.28 -8.47
CA THR B 20 -12.27 -5.59 -7.87
C THR B 20 -13.43 -5.25 -8.80
N ARG B 21 -13.29 -4.16 -9.55
CA ARG B 21 -14.31 -3.71 -10.51
C ARG B 21 -14.48 -4.66 -11.70
N HIS B 22 -13.69 -5.73 -11.77
CA HIS B 22 -13.68 -6.79 -12.77
C HIS B 22 -14.02 -8.12 -12.10
N ARG B 23 -14.87 -8.09 -11.07
CA ARG B 23 -15.37 -9.23 -10.29
C ARG B 23 -14.22 -9.95 -9.61
N TYR B 24 -13.47 -9.23 -8.77
CA TYR B 24 -12.34 -9.78 -8.04
C TYR B 24 -12.26 -9.09 -6.69
N GLY A 1 20.83 -18.59 10.56
CA GLY A 1 19.52 -19.02 10.05
C GLY A 1 19.12 -18.16 8.87
N PRO A 2 17.83 -17.82 8.73
CA PRO A 2 17.34 -16.99 7.63
C PRO A 2 17.57 -15.50 7.91
N SER A 3 17.41 -14.68 6.88
CA SER A 3 17.55 -13.23 6.97
C SER A 3 16.18 -12.64 7.34
N GLN A 4 16.02 -11.31 7.32
CA GLN A 4 14.79 -10.58 7.62
C GLN A 4 13.97 -11.21 8.74
N PRO A 5 14.45 -11.18 10.00
CA PRO A 5 13.77 -11.75 11.15
C PRO A 5 12.51 -10.96 11.51
N THR A 6 11.74 -11.49 12.46
CA THR A 6 10.53 -10.83 12.92
C THR A 6 10.97 -9.58 13.67
N TYR A 7 10.21 -8.51 13.58
CA TYR A 7 10.46 -7.23 14.22
C TYR A 7 9.26 -6.89 15.12
N PRO A 8 9.46 -6.10 16.19
CA PRO A 8 8.39 -5.73 17.09
C PRO A 8 7.45 -4.74 16.40
N GLY A 9 6.32 -4.46 17.04
CA GLY A 9 5.33 -3.54 16.52
C GLY A 9 4.48 -2.99 17.66
N PRO B 1 5.07 7.45 10.41
CA PRO B 1 5.22 7.84 9.03
C PRO B 1 3.77 7.98 8.54
N VAL B 2 3.35 9.16 8.10
CA VAL B 2 2.00 9.37 7.65
C VAL B 2 2.08 9.62 6.15
N GLU B 3 2.61 10.76 5.74
CA GLU B 3 2.73 11.11 4.32
C GLU B 3 3.66 10.15 3.57
N ASP B 4 4.61 9.57 4.30
CA ASP B 4 5.56 8.62 3.77
C ASP B 4 5.01 7.18 3.76
N LEU B 5 3.99 6.89 4.58
CA LEU B 5 3.38 5.56 4.65
C LEU B 5 2.23 5.43 3.68
N ILE B 6 1.37 6.46 3.58
CA ILE B 6 0.21 6.44 2.71
C ILE B 6 0.60 6.24 1.24
N ARG B 7 1.80 6.65 0.81
CA ARG B 7 2.20 6.45 -0.60
C ARG B 7 2.34 4.98 -0.99
N PHE B 8 2.54 4.11 -0.02
CA PHE B 8 2.64 2.68 -0.31
C PHE B 8 1.22 2.11 -0.35
N TYR B 9 0.33 2.61 0.52
CA TYR B 9 -1.04 2.13 0.59
C TYR B 9 -1.88 2.60 -0.58
N ASN B 10 -1.87 3.91 -0.84
CA ASN B 10 -2.60 4.57 -1.91
C ASN B 10 -2.23 3.98 -3.26
N ASP B 11 -0.99 3.52 -3.41
CA ASP B 11 -0.48 2.91 -4.61
C ASP B 11 -1.02 1.50 -4.73
N LEU B 12 -0.91 0.71 -3.65
CA LEU B 12 -1.43 -0.67 -3.63
C LEU B 12 -2.95 -0.64 -3.77
N GLN B 13 -3.60 0.48 -3.41
CA GLN B 13 -5.04 0.69 -3.49
C GLN B 13 -5.46 0.67 -4.95
N GLN B 14 -4.62 1.12 -5.89
CA GLN B 14 -4.97 1.09 -7.30
C GLN B 14 -5.13 -0.36 -7.72
N TYR B 15 -4.21 -1.24 -7.32
CA TYR B 15 -4.26 -2.68 -7.62
C TYR B 15 -5.38 -3.34 -6.81
N LEU B 16 -6.00 -2.67 -5.84
CA LEU B 16 -7.09 -3.14 -5.02
C LEU B 16 -8.43 -2.50 -5.38
N ASN B 17 -8.46 -1.57 -6.33
CA ASN B 17 -9.67 -0.89 -6.79
C ASN B 17 -9.92 -1.23 -8.27
N VAL B 18 -8.86 -1.24 -9.07
CA VAL B 18 -8.97 -1.52 -10.50
C VAL B 18 -9.20 -3.02 -10.72
N VAL B 19 -8.67 -3.85 -9.82
CA VAL B 19 -8.80 -5.29 -9.92
C VAL B 19 -10.23 -5.71 -9.56
N THR B 20 -10.70 -5.22 -8.43
CA THR B 20 -12.01 -5.47 -7.86
C THR B 20 -13.14 -4.97 -8.73
N ARG B 21 -12.95 -3.86 -9.47
CA ARG B 21 -14.01 -3.34 -10.35
C ARG B 21 -14.33 -4.33 -11.48
N HIS B 22 -13.55 -5.39 -11.61
CA HIS B 22 -13.69 -6.45 -12.58
C HIS B 22 -13.56 -7.85 -11.96
N ARG B 23 -13.42 -7.99 -10.64
CA ARG B 23 -13.28 -9.27 -9.91
C ARG B 23 -13.47 -9.14 -8.37
N TYR B 24 -14.32 -8.24 -7.87
CA TYR B 24 -14.52 -8.10 -6.42
C TYR B 24 -15.04 -9.44 -5.87
N GLY A 1 -8.15 -20.88 5.73
CA GLY A 1 -9.29 -20.41 4.94
C GLY A 1 -8.83 -19.60 3.74
N PRO A 2 -9.74 -19.08 2.90
CA PRO A 2 -9.36 -18.28 1.74
C PRO A 2 -8.89 -16.87 2.15
N SER A 3 -9.13 -16.43 3.38
CA SER A 3 -8.76 -15.12 3.89
C SER A 3 -7.32 -15.06 4.36
N GLN A 4 -6.73 -13.86 4.34
CA GLN A 4 -5.36 -13.61 4.76
C GLN A 4 -5.30 -12.36 5.65
N PRO A 5 -5.98 -12.34 6.82
CA PRO A 5 -5.97 -11.20 7.72
C PRO A 5 -4.57 -10.99 8.33
N THR A 6 -4.36 -9.86 9.00
CA THR A 6 -3.10 -9.48 9.65
C THR A 6 -3.41 -8.83 11.01
N TYR A 7 -2.36 -8.54 11.78
CA TYR A 7 -2.44 -7.92 13.10
C TYR A 7 -1.28 -6.94 13.26
N PRO A 8 -1.46 -5.82 14.00
CA PRO A 8 -0.41 -4.85 14.25
C PRO A 8 0.65 -5.46 15.18
N GLY A 9 1.83 -4.83 15.25
CA GLY A 9 2.93 -5.31 16.08
C GLY A 9 2.89 -4.73 17.49
N PRO B 1 6.67 5.25 11.18
CA PRO B 1 6.95 5.67 9.83
C PRO B 1 5.55 5.58 9.20
N VAL B 2 4.77 6.66 9.28
CA VAL B 2 3.40 6.69 8.77
C VAL B 2 3.32 7.38 7.42
N GLU B 3 3.96 8.54 7.24
CA GLU B 3 3.92 9.27 5.97
C GLU B 3 4.50 8.40 4.86
N ASP B 4 5.67 7.81 5.13
CA ASP B 4 6.34 6.94 4.19
C ASP B 4 5.57 5.63 3.96
N LEU B 5 4.78 5.19 4.95
CA LEU B 5 3.99 3.97 4.87
C LEU B 5 2.76 4.19 3.99
N ILE B 6 1.97 5.22 4.29
CA ILE B 6 0.76 5.50 3.51
C ILE B 6 1.08 5.81 2.05
N ARG B 7 2.27 6.33 1.73
CA ARG B 7 2.59 6.62 0.33
C ARG B 7 2.72 5.35 -0.51
N PHE B 8 3.08 4.24 0.14
CA PHE B 8 3.20 2.95 -0.50
C PHE B 8 1.82 2.30 -0.52
N TYR B 9 1.06 2.49 0.56
CA TYR B 9 -0.26 1.91 0.72
C TYR B 9 -1.26 2.47 -0.29
N ASN B 10 -1.16 3.76 -0.56
CA ASN B 10 -2.03 4.47 -1.48
C ASN B 10 -1.92 3.90 -2.88
N ASP B 11 -0.71 3.51 -3.31
CA ASP B 11 -0.50 2.95 -4.64
C ASP B 11 -1.21 1.60 -4.75
N LEU B 12 -1.19 0.81 -3.69
CA LEU B 12 -1.85 -0.51 -3.68
C LEU B 12 -3.37 -0.33 -3.81
N GLN B 13 -3.94 0.85 -3.54
CA GLN B 13 -5.37 1.07 -3.68
C GLN B 13 -5.76 0.92 -5.15
N GLN B 14 -4.84 1.20 -6.09
CA GLN B 14 -5.07 1.09 -7.52
C GLN B 14 -5.49 -0.34 -7.88
N TYR B 15 -4.91 -1.34 -7.20
CA TYR B 15 -5.21 -2.75 -7.40
C TYR B 15 -6.68 -2.94 -7.03
N LEU B 16 -7.09 -2.59 -5.82
CA LEU B 16 -8.47 -2.79 -5.43
C LEU B 16 -9.50 -2.02 -6.27
N ASN B 17 -9.14 -0.82 -6.72
CA ASN B 17 -9.99 0.05 -7.52
C ASN B 17 -10.14 -0.39 -8.98
N VAL B 18 -9.35 -1.37 -9.43
CA VAL B 18 -9.41 -1.84 -10.81
C VAL B 18 -9.40 -3.36 -10.96
N VAL B 19 -8.57 -4.07 -10.20
CA VAL B 19 -8.45 -5.51 -10.27
C VAL B 19 -9.73 -6.15 -9.77
N THR B 20 -10.00 -5.98 -8.48
CA THR B 20 -11.20 -6.51 -7.88
C THR B 20 -12.42 -5.80 -8.46
N ARG B 21 -12.29 -4.52 -8.87
CA ARG B 21 -13.41 -3.79 -9.45
C ARG B 21 -13.90 -4.36 -10.78
N HIS B 22 -13.18 -5.34 -11.35
CA HIS B 22 -13.52 -6.01 -12.57
C HIS B 22 -13.35 -7.54 -12.44
N ARG B 23 -13.02 -8.04 -11.24
CA ARG B 23 -12.83 -9.48 -11.03
C ARG B 23 -13.03 -10.00 -9.60
N TYR B 24 -13.64 -9.20 -8.74
CA TYR B 24 -13.89 -9.60 -7.36
C TYR B 24 -14.77 -10.85 -7.36
N GLY A 1 -7.64 -7.20 9.79
CA GLY A 1 -7.57 -8.28 10.78
C GLY A 1 -6.63 -7.89 11.92
N PRO A 2 -6.33 -8.81 12.85
CA PRO A 2 -5.43 -8.55 13.97
C PRO A 2 -3.98 -8.29 13.51
N SER A 3 -3.63 -8.63 12.26
CA SER A 3 -2.29 -8.38 11.72
C SER A 3 -2.17 -6.86 11.61
N GLN A 4 -0.94 -6.34 11.71
CA GLN A 4 -0.58 -4.93 11.66
C GLN A 4 -1.27 -4.15 12.81
N PRO A 5 -0.65 -4.11 14.00
CA PRO A 5 -1.18 -3.41 15.17
C PRO A 5 -0.98 -1.89 15.07
N THR A 6 -1.31 -1.15 16.13
CA THR A 6 -1.12 0.30 16.17
C THR A 6 0.38 0.60 16.23
N TYR A 7 0.79 1.83 15.93
CA TYR A 7 2.18 2.27 15.96
C TYR A 7 2.24 3.78 16.24
N PRO A 8 1.66 4.28 17.36
CA PRO A 8 1.69 5.70 17.68
C PRO A 8 3.10 6.06 18.20
N GLY A 9 3.42 7.34 18.26
CA GLY A 9 4.72 7.78 18.74
C GLY A 9 4.86 9.30 18.68
N PRO B 1 9.35 9.27 6.78
CA PRO B 1 9.51 9.13 5.33
C PRO B 1 8.06 8.94 4.82
N VAL B 2 7.14 9.74 5.38
CA VAL B 2 5.71 9.80 5.18
C VAL B 2 5.36 9.87 3.70
N GLU B 3 5.92 10.81 2.94
CA GLU B 3 5.60 10.97 1.52
C GLU B 3 5.90 9.74 0.67
N ASP B 4 6.85 8.88 1.06
CA ASP B 4 7.14 7.67 0.28
C ASP B 4 6.23 6.55 0.77
N LEU B 5 6.05 6.43 2.09
CA LEU B 5 5.23 5.41 2.71
C LEU B 5 3.77 5.54 2.26
N ILE B 6 3.19 6.75 2.34
CA ILE B 6 1.81 6.96 1.94
C ILE B 6 1.63 6.68 0.45
N ARG B 7 2.66 6.83 -0.39
CA ARG B 7 2.50 6.55 -1.81
C ARG B 7 2.50 5.07 -2.11
N PHE B 8 3.16 4.30 -1.27
CA PHE B 8 3.22 2.85 -1.41
C PHE B 8 1.90 2.29 -0.88
N TYR B 9 1.38 2.89 0.18
CA TYR B 9 0.14 2.45 0.80
C TYR B 9 -1.09 2.82 -0.01
N ASN B 10 -1.11 4.02 -0.61
CA ASN B 10 -2.22 4.47 -1.43
C ASN B 10 -2.25 3.63 -2.70
N ASP B 11 -1.09 3.25 -3.25
CA ASP B 11 -1.01 2.43 -4.45
C ASP B 11 -1.64 1.05 -4.20
N LEU B 12 -1.51 0.52 -2.98
CA LEU B 12 -2.11 -0.77 -2.63
C LEU B 12 -3.64 -0.64 -2.74
N GLN B 13 -4.21 0.53 -2.44
CA GLN B 13 -5.65 0.75 -2.54
C GLN B 13 -6.06 0.75 -4.00
N GLN B 14 -5.24 1.34 -4.89
CA GLN B 14 -5.53 1.38 -6.31
C GLN B 14 -5.69 -0.03 -6.85
N TYR B 15 -4.86 -0.96 -6.40
CA TYR B 15 -4.91 -2.35 -6.85
C TYR B 15 -6.31 -2.92 -6.62
N LEU B 16 -6.78 -2.97 -5.37
CA LEU B 16 -8.09 -3.48 -5.04
C LEU B 16 -9.26 -2.66 -5.61
N ASN B 17 -9.02 -1.47 -6.18
CA ASN B 17 -10.04 -0.61 -6.77
C ASN B 17 -10.05 -0.62 -8.29
N VAL B 18 -9.06 -1.27 -8.90
CA VAL B 18 -8.92 -1.37 -10.35
C VAL B 18 -8.84 -2.84 -10.81
N VAL B 19 -8.25 -3.73 -9.99
CA VAL B 19 -8.10 -5.14 -10.30
C VAL B 19 -9.45 -5.83 -10.47
N THR B 20 -10.20 -5.91 -9.39
CA THR B 20 -11.51 -6.53 -9.33
C THR B 20 -12.60 -5.71 -10.01
N ARG B 21 -12.45 -4.38 -10.13
CA ARG B 21 -13.46 -3.51 -10.75
C ARG B 21 -13.68 -3.77 -12.23
N HIS B 22 -12.75 -4.47 -12.85
CA HIS B 22 -12.77 -4.82 -14.27
C HIS B 22 -13.34 -6.24 -14.42
N ARG B 23 -14.42 -6.56 -13.69
CA ARG B 23 -15.07 -7.88 -13.68
C ARG B 23 -13.98 -8.93 -13.46
N TYR B 24 -13.16 -8.73 -12.43
CA TYR B 24 -12.06 -9.62 -12.11
C TYR B 24 -12.00 -9.91 -10.61
N GLY A 1 13.29 -20.21 -2.08
CA GLY A 1 12.13 -19.50 -1.54
C GLY A 1 12.60 -18.59 -0.42
N PRO A 2 12.28 -17.29 -0.45
CA PRO A 2 12.70 -16.37 0.58
C PRO A 2 12.10 -16.73 1.94
N SER A 3 12.71 -16.22 3.00
CA SER A 3 12.35 -16.41 4.40
C SER A 3 12.97 -15.26 5.20
N GLN A 4 12.59 -15.12 6.47
CA GLN A 4 13.04 -14.11 7.43
C GLN A 4 12.67 -12.68 6.97
N PRO A 5 12.61 -11.68 7.87
CA PRO A 5 12.26 -10.33 7.51
C PRO A 5 13.43 -9.61 6.83
N THR A 6 13.16 -8.40 6.31
CA THR A 6 14.16 -7.57 5.65
C THR A 6 14.22 -6.19 6.32
N TYR A 7 13.15 -5.81 7.03
CA TYR A 7 13.03 -4.53 7.71
C TYR A 7 12.35 -4.70 9.09
N PRO A 8 12.88 -5.55 9.99
CA PRO A 8 12.27 -5.72 11.30
C PRO A 8 12.52 -4.45 12.14
N GLY A 9 11.69 -4.22 13.17
CA GLY A 9 11.87 -3.05 14.02
C GLY A 9 10.70 -2.86 14.99
N PRO B 1 10.27 6.13 8.16
CA PRO B 1 10.26 6.37 6.72
C PRO B 1 8.80 6.50 6.26
N VAL B 2 8.11 7.50 6.82
CA VAL B 2 6.72 7.83 6.61
C VAL B 2 6.36 7.94 5.12
N GLU B 3 7.20 8.54 4.28
CA GLU B 3 6.92 8.71 2.86
C GLU B 3 6.89 7.38 2.11
N ASP B 4 7.71 6.41 2.51
CA ASP B 4 7.74 5.10 1.87
C ASP B 4 6.58 4.26 2.38
N LEU B 5 6.18 4.46 3.64
CA LEU B 5 5.08 3.75 4.27
C LEU B 5 3.77 4.16 3.59
N ILE B 6 3.53 5.46 3.44
CA ILE B 6 2.31 5.96 2.81
C ILE B 6 2.26 5.62 1.32
N ARG B 7 3.38 5.72 0.57
CA ARG B 7 3.29 5.42 -0.86
C ARG B 7 2.96 3.98 -1.15
N PHE B 8 3.30 3.08 -0.25
CA PHE B 8 2.99 1.67 -0.46
C PHE B 8 1.49 1.45 -0.22
N TYR B 9 0.90 2.15 0.75
CA TYR B 9 -0.50 2.06 1.12
C TYR B 9 -1.43 2.78 0.15
N ASN B 10 -1.04 3.98 -0.27
CA ASN B 10 -1.80 4.83 -1.17
C ASN B 10 -1.77 4.31 -2.60
N ASP B 11 -0.63 3.82 -3.08
CA ASP B 11 -0.49 3.30 -4.45
C ASP B 11 -1.33 2.02 -4.58
N LEU B 12 -1.58 1.32 -3.48
CA LEU B 12 -2.38 0.09 -3.43
C LEU B 12 -3.87 0.35 -3.70
N GLN B 13 -4.35 1.59 -3.49
CA GLN B 13 -5.75 1.94 -3.67
C GLN B 13 -6.28 1.57 -5.07
N GLN B 14 -5.56 2.00 -6.12
CA GLN B 14 -5.91 1.73 -7.51
C GLN B 14 -6.05 0.23 -7.78
N TYR B 15 -5.19 -0.59 -7.17
CA TYR B 15 -5.21 -2.05 -7.32
C TYR B 15 -6.61 -2.57 -7.05
N LEU B 16 -7.16 -2.35 -5.86
CA LEU B 16 -8.49 -2.83 -5.55
C LEU B 16 -9.60 -2.12 -6.34
N ASN B 17 -9.34 -0.91 -6.83
CA ASN B 17 -10.32 -0.15 -7.61
C ASN B 17 -10.33 -0.57 -9.09
N VAL B 18 -9.43 -1.47 -9.48
CA VAL B 18 -9.32 -1.95 -10.86
C VAL B 18 -9.18 -3.47 -10.94
N VAL B 19 -8.19 -4.06 -10.26
CA VAL B 19 -7.92 -5.48 -10.28
C VAL B 19 -9.13 -6.28 -9.78
N THR B 20 -9.44 -6.13 -8.52
CA THR B 20 -10.54 -6.83 -7.90
C THR B 20 -11.88 -6.32 -8.40
N ARG B 21 -11.95 -5.05 -8.81
CA ARG B 21 -13.19 -4.46 -9.30
C ARG B 21 -13.61 -5.03 -10.64
N HIS B 22 -12.72 -5.72 -11.33
CA HIS B 22 -12.94 -6.35 -12.61
C HIS B 22 -13.16 -7.87 -12.43
N ARG B 23 -13.41 -8.31 -11.18
CA ARG B 23 -13.65 -9.70 -10.76
C ARG B 23 -12.32 -10.44 -10.90
N TYR B 24 -11.47 -10.32 -9.87
CA TYR B 24 -10.16 -10.93 -9.84
C TYR B 24 -10.19 -12.42 -10.16
N GLY A 1 8.23 -9.33 -3.96
CA GLY A 1 7.72 -10.31 -3.00
C GLY A 1 7.84 -9.78 -1.57
N PRO A 2 6.82 -10.00 -0.72
CA PRO A 2 6.81 -9.54 0.66
C PRO A 2 7.92 -10.18 1.50
N SER A 3 8.81 -9.35 2.04
CA SER A 3 9.96 -9.69 2.87
C SER A 3 10.02 -8.76 4.09
N GLN A 4 11.00 -8.98 4.97
CA GLN A 4 11.29 -8.25 6.22
C GLN A 4 10.31 -8.67 7.33
N PRO A 5 10.67 -8.57 8.63
CA PRO A 5 9.78 -8.96 9.72
C PRO A 5 8.53 -8.10 9.74
N THR A 6 7.39 -8.72 10.04
CA THR A 6 6.12 -8.01 10.12
C THR A 6 6.12 -7.07 11.32
N TYR A 7 5.23 -6.07 11.28
CA TYR A 7 5.02 -5.03 12.28
C TYR A 7 6.36 -4.54 12.84
N PRO A 8 7.24 -3.95 12.01
CA PRO A 8 8.56 -3.48 12.41
C PRO A 8 8.54 -2.31 13.39
N GLY A 9 9.02 -2.55 14.62
CA GLY A 9 9.10 -1.53 15.66
C GLY A 9 10.34 -0.68 15.44
N PRO B 1 9.40 8.93 8.09
CA PRO B 1 9.46 8.92 6.64
C PRO B 1 8.04 8.49 6.20
N VAL B 2 7.21 9.43 5.77
CA VAL B 2 5.83 9.15 5.36
C VAL B 2 5.59 9.35 3.86
N GLU B 3 6.37 10.18 3.17
CA GLU B 3 6.19 10.43 1.73
C GLU B 3 6.42 9.16 0.90
N ASP B 4 7.30 8.29 1.39
CA ASP B 4 7.67 7.03 0.80
C ASP B 4 6.79 5.89 1.32
N LEU B 5 6.02 6.13 2.39
CA LEU B 5 5.12 5.14 3.00
C LEU B 5 3.72 5.27 2.40
N ILE B 6 3.20 6.49 2.27
CA ILE B 6 1.87 6.75 1.72
C ILE B 6 1.72 6.23 0.29
N ARG B 7 2.80 6.18 -0.49
CA ARG B 7 2.70 5.71 -1.87
C ARG B 7 2.40 4.23 -1.96
N PHE B 8 2.82 3.49 -0.94
CA PHE B 8 2.61 2.06 -0.88
C PHE B 8 1.12 1.82 -0.64
N TYR B 9 0.53 2.60 0.27
CA TYR B 9 -0.88 2.46 0.61
C TYR B 9 -1.76 2.92 -0.54
N ASN B 10 -1.45 4.07 -1.13
CA ASN B 10 -2.21 4.64 -2.23
C ASN B 10 -2.22 3.66 -3.41
N ASP B 11 -1.08 3.05 -3.70
CA ASP B 11 -0.92 2.08 -4.79
C ASP B 11 -1.73 0.82 -4.48
N LEU B 12 -1.66 0.28 -3.26
CA LEU B 12 -2.43 -0.91 -2.88
C LEU B 12 -3.92 -0.62 -2.99
N GLN B 13 -4.35 0.56 -2.55
CA GLN B 13 -5.75 0.95 -2.63
C GLN B 13 -6.18 0.97 -4.09
N GLN B 14 -5.44 1.62 -4.99
CA GLN B 14 -5.78 1.67 -6.41
C GLN B 14 -5.85 0.27 -7.00
N TYR B 15 -4.95 -0.64 -6.61
CA TYR B 15 -4.94 -2.01 -7.09
C TYR B 15 -6.31 -2.62 -6.81
N LEU B 16 -6.78 -2.57 -5.56
CA LEU B 16 -8.09 -3.11 -5.25
C LEU B 16 -9.20 -2.31 -5.95
N ASN B 17 -9.04 -0.99 -6.07
CA ASN B 17 -10.02 -0.13 -6.71
C ASN B 17 -10.12 -0.26 -8.23
N VAL B 18 -9.20 -0.97 -8.91
CA VAL B 18 -9.22 -1.11 -10.36
C VAL B 18 -8.93 -2.52 -10.87
N VAL B 19 -8.04 -3.27 -10.22
CA VAL B 19 -7.68 -4.62 -10.60
C VAL B 19 -8.83 -5.55 -10.29
N THR B 20 -9.11 -5.69 -9.00
CA THR B 20 -10.17 -6.54 -8.55
C THR B 20 -11.53 -5.96 -8.95
N ARG B 21 -11.61 -4.65 -9.15
CA ARG B 21 -12.82 -3.96 -9.59
C ARG B 21 -13.23 -4.39 -11.00
N HIS B 22 -12.38 -5.14 -11.71
CA HIS B 22 -12.64 -5.63 -13.05
C HIS B 22 -12.41 -7.14 -13.20
N ARG B 23 -11.88 -7.77 -12.15
CA ARG B 23 -11.56 -9.20 -12.03
C ARG B 23 -11.01 -9.52 -10.63
N TYR B 24 -11.89 -9.50 -9.62
CA TYR B 24 -11.60 -9.76 -8.23
C TYR B 24 -11.24 -11.22 -7.98
N GLY A 1 11.48 -16.60 4.70
CA GLY A 1 10.14 -16.49 4.08
C GLY A 1 10.06 -15.12 3.43
N PRO A 2 9.82 -15.02 2.12
CA PRO A 2 9.75 -13.75 1.41
C PRO A 2 8.56 -12.91 1.90
N SER A 3 8.84 -12.06 2.87
CA SER A 3 7.89 -11.17 3.52
C SER A 3 8.48 -9.78 3.67
N GLN A 4 7.60 -8.78 3.68
CA GLN A 4 7.94 -7.38 3.83
C GLN A 4 7.02 -6.80 4.90
N PRO A 5 7.10 -7.26 6.17
CA PRO A 5 6.26 -6.74 7.24
C PRO A 5 6.73 -5.31 7.56
N THR A 6 5.98 -4.57 8.39
CA THR A 6 6.36 -3.23 8.75
C THR A 6 6.29 -3.06 10.26
N TYR A 7 7.14 -2.20 10.81
CA TYR A 7 7.21 -1.93 12.25
C TYR A 7 7.33 -0.42 12.48
N PRO A 8 6.22 0.33 12.52
CA PRO A 8 6.25 1.77 12.72
C PRO A 8 6.65 2.10 14.16
N GLY A 9 6.98 3.38 14.41
CA GLY A 9 7.37 3.85 15.73
C GLY A 9 8.26 5.09 15.65
N PRO B 1 8.21 10.32 7.43
CA PRO B 1 8.00 9.99 6.04
C PRO B 1 6.47 10.00 5.93
N VAL B 2 5.87 10.90 5.16
CA VAL B 2 4.43 10.96 5.05
C VAL B 2 3.95 10.97 3.60
N GLU B 3 4.48 11.83 2.75
CA GLU B 3 4.06 11.89 1.36
C GLU B 3 4.43 10.61 0.61
N ASP B 4 5.66 10.15 0.73
CA ASP B 4 6.08 8.92 0.04
C ASP B 4 5.50 7.70 0.76
N LEU B 5 5.23 7.84 2.05
CA LEU B 5 4.66 6.79 2.90
C LEU B 5 3.26 6.48 2.41
N ILE B 6 2.36 7.47 2.44
CA ILE B 6 0.99 7.26 1.99
C ILE B 6 0.98 6.95 0.49
N ARG B 7 1.90 7.48 -0.32
CA ARG B 7 1.88 7.17 -1.74
C ARG B 7 2.24 5.72 -2.04
N PHE B 8 3.00 5.09 -1.16
CA PHE B 8 3.38 3.70 -1.28
C PHE B 8 2.21 2.84 -0.76
N TYR B 9 1.53 3.31 0.29
CA TYR B 9 0.40 2.58 0.87
C TYR B 9 -0.86 2.64 0.01
N ASN B 10 -1.25 3.84 -0.42
CA ASN B 10 -2.42 4.14 -1.24
C ASN B 10 -2.44 3.32 -2.53
N ASP B 11 -1.27 3.01 -3.08
CA ASP B 11 -1.09 2.25 -4.31
C ASP B 11 -1.60 0.82 -4.17
N LEU B 12 -1.45 0.21 -2.99
CA LEU B 12 -1.92 -1.16 -2.75
C LEU B 12 -3.43 -1.23 -2.95
N GLN B 13 -4.14 -0.14 -2.60
CA GLN B 13 -5.58 -0.05 -2.73
C GLN B 13 -5.96 0.18 -4.21
N GLN B 14 -5.05 0.71 -5.04
CA GLN B 14 -5.32 0.91 -6.45
C GLN B 14 -5.37 -0.49 -7.08
N TYR B 15 -4.41 -1.35 -6.75
CA TYR B 15 -4.33 -2.74 -7.21
C TYR B 15 -5.48 -3.60 -6.66
N LEU B 16 -6.36 -3.00 -5.87
CA LEU B 16 -7.54 -3.61 -5.30
C LEU B 16 -8.71 -3.02 -6.09
N ASN B 17 -8.93 -1.71 -6.00
CA ASN B 17 -10.02 -1.01 -6.69
C ASN B 17 -10.04 -1.25 -8.20
N VAL B 18 -8.89 -1.12 -8.86
CA VAL B 18 -8.79 -1.29 -10.31
C VAL B 18 -9.04 -2.75 -10.67
N VAL B 19 -8.53 -3.66 -9.87
CA VAL B 19 -8.69 -5.08 -10.08
C VAL B 19 -10.15 -5.49 -9.97
N THR B 20 -10.80 -5.05 -8.91
CA THR B 20 -12.19 -5.36 -8.67
C THR B 20 -13.10 -4.71 -9.70
N ARG B 21 -12.66 -3.63 -10.34
CA ARG B 21 -13.44 -2.93 -11.35
C ARG B 21 -13.70 -3.80 -12.59
N HIS B 22 -12.94 -4.88 -12.70
CA HIS B 22 -12.97 -5.88 -13.75
C HIS B 22 -12.85 -7.32 -13.20
N ARG B 23 -12.95 -7.52 -11.87
CA ARG B 23 -12.85 -8.85 -11.25
C ARG B 23 -13.72 -9.07 -10.03
N TYR B 24 -14.69 -8.19 -9.80
CA TYR B 24 -15.60 -8.31 -8.67
C TYR B 24 -16.99 -7.83 -9.04
N GLY A 1 18.57 5.40 -0.02
CA GLY A 1 19.40 6.54 0.42
C GLY A 1 18.76 7.22 1.60
N PRO A 2 19.50 8.07 2.36
CA PRO A 2 18.96 8.77 3.53
C PRO A 2 17.85 9.76 3.15
N SER A 3 17.72 10.07 1.86
CA SER A 3 16.73 10.96 1.26
C SER A 3 15.35 10.27 1.26
N GLN A 4 15.31 8.94 1.16
CA GLN A 4 14.09 8.14 1.16
C GLN A 4 14.46 6.79 1.79
N PRO A 5 14.61 6.73 3.11
CA PRO A 5 14.98 5.52 3.83
C PRO A 5 13.79 4.54 3.87
N THR A 6 13.54 3.88 2.74
CA THR A 6 12.48 2.91 2.50
C THR A 6 12.51 1.71 3.47
N TYR A 7 13.62 1.51 4.18
CA TYR A 7 13.79 0.47 5.18
C TYR A 7 14.19 1.24 6.45
N PRO A 8 13.22 1.90 7.11
CA PRO A 8 13.44 2.69 8.30
C PRO A 8 13.75 1.81 9.49
N GLY A 9 15.04 1.52 9.71
CA GLY A 9 15.48 0.71 10.83
C GLY A 9 15.49 1.62 12.05
N PRO B 1 9.67 8.56 7.09
CA PRO B 1 9.30 8.77 5.70
C PRO B 1 7.79 8.63 5.52
N VAL B 2 7.02 9.57 6.10
CA VAL B 2 5.58 9.64 6.08
C VAL B 2 5.06 9.56 4.65
N GLU B 3 5.74 10.24 3.73
CA GLU B 3 5.46 10.32 2.31
C GLU B 3 5.67 9.01 1.55
N ASP B 4 6.49 8.09 2.05
CA ASP B 4 6.75 6.80 1.40
C ASP B 4 5.83 5.74 2.00
N LEU B 5 5.51 5.90 3.29
CA LEU B 5 4.62 5.03 4.04
C LEU B 5 3.25 5.09 3.37
N ILE B 6 2.79 6.31 3.07
CA ILE B 6 1.50 6.53 2.42
C ILE B 6 1.60 6.29 0.91
N ARG B 7 2.78 6.38 0.29
CA ARG B 7 2.89 6.16 -1.16
C ARG B 7 2.72 4.70 -1.50
N PHE B 8 3.06 3.86 -0.55
CA PHE B 8 2.94 2.42 -0.72
C PHE B 8 1.46 2.08 -0.61
N TYR B 9 0.75 2.73 0.32
CA TYR B 9 -0.66 2.49 0.56
C TYR B 9 -1.57 3.10 -0.51
N ASN B 10 -1.29 4.32 -0.94
CA ASN B 10 -2.07 5.01 -1.96
C ASN B 10 -1.98 4.30 -3.31
N ASP B 11 -0.93 3.50 -3.50
CA ASP B 11 -0.71 2.72 -4.71
C ASP B 11 -1.42 1.38 -4.52
N LEU B 12 -1.25 0.74 -3.36
CA LEU B 12 -1.84 -0.53 -2.96
C LEU B 12 -3.36 -0.53 -3.14
N GLN B 13 -4.05 0.50 -2.61
CA GLN B 13 -5.51 0.61 -2.71
C GLN B 13 -6.00 0.57 -4.15
N GLN B 14 -5.21 1.10 -5.10
CA GLN B 14 -5.57 1.15 -6.50
C GLN B 14 -5.64 -0.24 -7.13
N TYR B 15 -5.03 -1.23 -6.49
CA TYR B 15 -5.06 -2.61 -6.94
C TYR B 15 -6.53 -3.00 -6.90
N LEU B 16 -7.14 -3.12 -5.72
CA LEU B 16 -8.54 -3.48 -5.62
C LEU B 16 -9.49 -2.48 -6.30
N ASN B 17 -9.18 -1.18 -6.25
CA ASN B 17 -10.02 -0.16 -6.87
C ASN B 17 -10.08 -0.29 -8.39
N VAL B 18 -9.19 -1.08 -8.98
CA VAL B 18 -9.13 -1.30 -10.42
C VAL B 18 -9.21 -2.78 -10.74
N VAL B 19 -8.21 -3.57 -10.32
CA VAL B 19 -8.05 -4.99 -10.56
C VAL B 19 -9.32 -5.78 -10.32
N THR B 20 -9.75 -5.88 -9.09
CA THR B 20 -10.92 -6.63 -8.74
C THR B 20 -12.18 -5.92 -9.23
N ARG B 21 -12.15 -4.58 -9.30
CA ARG B 21 -13.29 -3.79 -9.79
C ARG B 21 -13.53 -3.98 -11.29
N HIS B 22 -12.54 -4.53 -11.99
CA HIS B 22 -12.48 -4.87 -13.41
C HIS B 22 -12.89 -6.34 -13.62
N ARG B 23 -13.47 -6.98 -12.59
CA ARG B 23 -13.91 -8.38 -12.60
C ARG B 23 -12.70 -9.26 -12.80
N TYR B 24 -11.74 -9.17 -11.87
CA TYR B 24 -10.52 -9.95 -11.92
C TYR B 24 -10.07 -10.25 -10.49
N GLY A 1 9.04 -3.16 11.79
CA GLY A 1 8.52 -2.11 10.90
C GLY A 1 8.34 -0.80 11.65
N PRO A 2 7.12 -0.28 11.80
CA PRO A 2 6.88 0.96 12.51
C PRO A 2 7.10 0.75 14.02
N SER A 3 6.90 1.78 14.83
CA SER A 3 7.09 1.71 16.27
C SER A 3 5.83 2.18 16.98
N GLN A 4 5.41 1.38 17.95
CA GLN A 4 4.24 1.59 18.81
C GLN A 4 2.93 1.58 17.98
N PRO A 5 1.77 1.32 18.59
CA PRO A 5 0.49 1.30 17.89
C PRO A 5 0.11 2.73 17.47
N THR A 6 -1.07 2.90 16.85
CA THR A 6 -1.54 4.20 16.41
C THR A 6 -3.05 4.30 16.64
N TYR A 7 -3.53 5.51 16.92
CA TYR A 7 -4.92 5.84 17.21
C TYR A 7 -5.33 7.13 16.49
N PRO A 8 -6.63 7.46 16.40
CA PRO A 8 -7.12 8.66 15.74
C PRO A 8 -6.91 9.91 16.61
N GLY A 9 -5.70 10.47 16.64
CA GLY A 9 -5.37 11.68 17.38
C GLY A 9 -4.11 11.56 18.24
N PRO B 1 4.01 13.55 8.37
CA PRO B 1 4.44 13.73 6.98
C PRO B 1 3.59 12.67 6.21
N VAL B 2 2.29 12.61 6.56
CA VAL B 2 1.22 11.74 6.12
C VAL B 2 0.93 11.81 4.62
N GLU B 3 1.00 12.98 3.99
CA GLU B 3 0.72 13.15 2.57
C GLU B 3 1.56 12.27 1.64
N ASP B 4 2.78 11.91 2.05
CA ASP B 4 3.68 11.06 1.27
C ASP B 4 3.73 9.65 1.82
N LEU B 5 3.13 9.42 3.00
CA LEU B 5 3.05 8.15 3.68
C LEU B 5 1.80 7.42 3.17
N ILE B 6 0.68 8.13 2.99
CA ILE B 6 -0.52 7.50 2.49
C ILE B 6 -0.35 7.14 1.03
N ARG B 7 0.28 7.99 0.19
CA ARG B 7 0.45 7.67 -1.23
C ARG B 7 1.31 6.44 -1.49
N PHE B 8 2.20 6.11 -0.55
CA PHE B 8 3.06 4.96 -0.67
C PHE B 8 2.27 3.68 -0.40
N TYR B 9 1.36 3.71 0.57
CA TYR B 9 0.55 2.56 0.95
C TYR B 9 -0.66 2.38 0.05
N ASN B 10 -1.27 3.48 -0.36
CA ASN B 10 -2.45 3.50 -1.21
C ASN B 10 -2.13 2.98 -2.60
N ASP B 11 -0.87 2.97 -3.03
CA ASP B 11 -0.47 2.47 -4.34
C ASP B 11 -0.76 0.97 -4.42
N LEU B 12 -0.46 0.20 -3.36
CA LEU B 12 -0.72 -1.25 -3.35
C LEU B 12 -2.22 -1.55 -3.44
N GLN B 13 -3.08 -0.64 -2.99
CA GLN B 13 -4.53 -0.83 -3.05
C GLN B 13 -5.00 -0.60 -4.50
N GLN B 14 -4.15 -0.16 -5.43
CA GLN B 14 -4.56 0.03 -6.82
C GLN B 14 -4.98 -1.31 -7.40
N TYR B 15 -4.30 -2.40 -7.00
CA TYR B 15 -4.62 -3.75 -7.45
C TYR B 15 -5.97 -4.21 -6.87
N LEU B 16 -6.59 -3.46 -5.98
CA LEU B 16 -7.88 -3.79 -5.43
C LEU B 16 -8.84 -2.90 -6.19
N ASN B 17 -8.73 -1.59 -6.04
CA ASN B 17 -9.56 -0.57 -6.67
C ASN B 17 -9.77 -0.75 -8.17
N VAL B 18 -8.73 -1.10 -8.93
CA VAL B 18 -8.85 -1.28 -10.37
C VAL B 18 -9.42 -2.66 -10.72
N VAL B 19 -8.97 -3.72 -10.05
CA VAL B 19 -9.41 -5.08 -10.30
C VAL B 19 -10.88 -5.28 -9.94
N THR B 20 -11.28 -4.71 -8.81
CA THR B 20 -12.64 -4.80 -8.34
C THR B 20 -13.62 -4.14 -9.33
N ARG B 21 -13.18 -3.09 -10.04
CA ARG B 21 -14.04 -2.43 -11.04
C ARG B 21 -14.36 -3.34 -12.23
N HIS B 22 -13.59 -4.40 -12.40
CA HIS B 22 -13.75 -5.40 -13.43
C HIS B 22 -14.59 -6.57 -12.91
N ARG B 23 -15.25 -6.40 -11.76
CA ARG B 23 -16.08 -7.39 -11.10
C ARG B 23 -15.14 -8.50 -10.67
N TYR B 24 -14.47 -8.27 -9.54
CA TYR B 24 -13.50 -9.20 -8.95
C TYR B 24 -12.41 -9.56 -9.97
N GLY A 1 11.86 8.47 -7.39
CA GLY A 1 10.60 9.03 -6.91
C GLY A 1 10.81 9.96 -5.73
N PRO A 2 10.01 9.84 -4.66
CA PRO A 2 10.09 10.68 -3.46
C PRO A 2 11.19 10.29 -2.47
N SER A 3 11.25 11.02 -1.36
CA SER A 3 12.19 10.81 -0.26
C SER A 3 11.80 9.55 0.53
N GLN A 4 12.52 9.26 1.62
CA GLN A 4 12.28 8.12 2.50
C GLN A 4 12.39 8.57 3.97
N PRO A 5 11.51 9.50 4.42
CA PRO A 5 11.56 9.99 5.79
C PRO A 5 11.19 8.87 6.76
N THR A 6 11.80 8.85 7.96
CA THR A 6 11.56 7.83 8.97
C THR A 6 11.65 8.47 10.36
N TYR A 7 10.49 8.59 11.03
CA TYR A 7 10.37 9.19 12.35
C TYR A 7 9.78 8.19 13.35
N PRO A 8 10.59 7.24 13.85
CA PRO A 8 10.14 6.25 14.81
C PRO A 8 10.00 6.88 16.21
N GLY A 9 9.56 6.08 17.18
CA GLY A 9 9.37 6.53 18.55
C GLY A 9 8.19 7.49 18.67
N PRO B 1 5.08 11.07 9.57
CA PRO B 1 4.97 11.22 8.12
C PRO B 1 3.62 10.68 7.64
N VAL B 2 2.71 11.57 7.25
CA VAL B 2 1.38 11.21 6.79
C VAL B 2 1.36 11.10 5.27
N GLU B 3 1.73 12.16 4.57
CA GLU B 3 1.74 12.23 3.10
C GLU B 3 2.54 11.06 2.53
N ASP B 4 3.75 10.87 3.05
CA ASP B 4 4.66 9.82 2.59
C ASP B 4 4.15 8.43 2.98
N LEU B 5 3.25 8.26 3.96
CA LEU B 5 2.74 6.95 4.35
C LEU B 5 1.48 6.62 3.55
N ILE B 6 0.57 7.58 3.35
CA ILE B 6 -0.65 7.32 2.57
C ILE B 6 -0.29 6.98 1.12
N ARG B 7 0.79 7.61 0.61
CA ARG B 7 1.28 7.37 -0.74
C ARG B 7 1.97 6.02 -0.86
N PHE B 8 2.27 5.37 0.26
CA PHE B 8 2.90 4.05 0.35
C PHE B 8 1.86 2.94 0.53
N TYR B 9 0.58 3.28 0.50
CA TYR B 9 -0.53 2.34 0.61
C TYR B 9 -1.39 2.44 -0.64
N ASN B 10 -1.65 3.69 -1.07
CA ASN B 10 -2.46 4.01 -2.23
C ASN B 10 -1.92 3.48 -3.56
N ASP B 11 -0.62 3.17 -3.72
CA ASP B 11 -0.15 2.64 -5.01
C ASP B 11 -0.41 1.12 -5.09
N LEU B 12 -0.49 0.44 -3.94
CA LEU B 12 -0.77 -1.00 -3.87
C LEU B 12 -2.27 -1.21 -3.91
N GLN B 13 -3.03 -0.43 -3.13
CA GLN B 13 -4.49 -0.48 -3.03
C GLN B 13 -5.12 -0.20 -4.42
N GLN B 14 -4.36 0.36 -5.37
CA GLN B 14 -4.82 0.62 -6.72
C GLN B 14 -5.23 -0.73 -7.35
N TYR B 15 -4.44 -1.78 -7.15
CA TYR B 15 -4.72 -3.14 -7.65
C TYR B 15 -5.86 -3.78 -6.86
N LEU B 16 -6.39 -3.14 -5.82
CA LEU B 16 -7.51 -3.62 -5.04
C LEU B 16 -8.75 -2.81 -5.38
N ASN B 17 -8.59 -1.68 -6.07
CA ASN B 17 -9.64 -0.76 -6.48
C ASN B 17 -9.97 -0.93 -7.96
N VAL B 18 -8.97 -1.25 -8.79
CA VAL B 18 -9.13 -1.45 -10.22
C VAL B 18 -9.47 -2.90 -10.55
N VAL B 19 -8.96 -3.88 -9.79
CA VAL B 19 -9.23 -5.29 -10.07
C VAL B 19 -10.70 -5.60 -9.84
N THR B 20 -11.22 -5.09 -8.75
CA THR B 20 -12.59 -5.24 -8.33
C THR B 20 -13.50 -4.48 -9.30
N ARG B 21 -13.00 -3.38 -9.89
CA ARG B 21 -13.75 -2.59 -10.87
C ARG B 21 -13.99 -3.38 -12.15
N HIS B 22 -13.35 -4.54 -12.30
CA HIS B 22 -13.48 -5.46 -13.41
C HIS B 22 -14.35 -6.65 -12.97
N ARG B 23 -15.21 -6.46 -11.97
CA ARG B 23 -16.14 -7.41 -11.38
C ARG B 23 -15.41 -8.51 -10.61
N TYR B 24 -14.72 -8.14 -9.54
CA TYR B 24 -13.99 -9.07 -8.69
C TYR B 24 -14.11 -8.59 -7.25
N GLY A 1 37.50 16.71 13.03
CA GLY A 1 36.58 17.75 12.52
C GLY A 1 35.19 17.38 12.97
N PRO A 2 34.14 17.63 12.18
CA PRO A 2 32.79 17.25 12.55
C PRO A 2 32.66 15.72 12.47
N SER A 3 31.51 15.18 12.86
CA SER A 3 31.20 13.76 12.85
C SER A 3 29.68 13.66 12.67
N GLN A 4 29.22 12.55 12.10
CA GLN A 4 27.81 12.28 11.84
C GLN A 4 27.37 11.05 12.64
N PRO A 5 26.98 11.21 13.93
CA PRO A 5 26.53 10.09 14.75
C PRO A 5 25.17 9.59 14.23
N THR A 6 24.66 8.51 14.81
CA THR A 6 23.38 7.96 14.42
C THR A 6 22.77 7.19 15.59
N TYR A 7 21.48 6.91 15.49
CA TYR A 7 20.67 6.19 16.46
C TYR A 7 19.53 5.51 15.70
N PRO A 8 19.07 4.33 16.11
CA PRO A 8 18.01 3.61 15.44
C PRO A 8 16.66 4.32 15.60
N GLY A 9 15.68 3.93 14.78
CA GLY A 9 14.35 4.51 14.80
C GLY A 9 13.63 4.29 16.13
N PRO B 1 8.09 10.01 8.02
CA PRO B 1 7.78 10.24 6.61
C PRO B 1 6.31 9.87 6.32
N VAL B 2 5.37 10.27 7.17
CA VAL B 2 3.95 9.99 7.08
C VAL B 2 3.38 10.29 5.70
N GLU B 3 3.83 11.38 5.08
CA GLU B 3 3.40 11.84 3.78
C GLU B 3 3.67 10.84 2.66
N ASP B 4 4.90 10.33 2.56
CA ASP B 4 5.23 9.37 1.51
C ASP B 4 4.69 7.99 1.89
N LEU B 5 4.68 7.67 3.18
CA LEU B 5 4.18 6.40 3.69
C LEU B 5 2.71 6.19 3.31
N ILE B 6 1.86 7.21 3.41
CA ILE B 6 0.46 7.02 3.02
C ILE B 6 0.37 6.75 1.52
N ARG B 7 1.16 7.41 0.68
CA ARG B 7 1.12 7.22 -0.76
C ARG B 7 1.73 5.90 -1.20
N PHE B 8 2.65 5.39 -0.40
CA PHE B 8 3.33 4.14 -0.62
C PHE B 8 2.32 3.03 -0.42
N TYR B 9 1.47 3.13 0.60
CA TYR B 9 0.45 2.13 0.88
C TYR B 9 -0.72 2.28 -0.08
N ASN B 10 -1.15 3.53 -0.34
CA ASN B 10 -2.26 3.84 -1.23
C ASN B 10 -1.98 3.37 -2.66
N ASP B 11 -0.72 3.24 -3.06
CA ASP B 11 -0.41 2.77 -4.41
C ASP B 11 -0.83 1.31 -4.55
N LEU B 12 -0.68 0.52 -3.48
CA LEU B 12 -1.05 -0.90 -3.45
C LEU B 12 -2.57 -1.03 -3.56
N GLN B 13 -3.31 0.00 -3.12
CA GLN B 13 -4.77 0.03 -3.16
C GLN B 13 -5.30 0.24 -4.58
N GLN B 14 -4.44 0.62 -5.54
CA GLN B 14 -4.79 0.83 -6.94
C GLN B 14 -5.31 -0.53 -7.46
N TYR B 15 -4.56 -1.60 -7.17
CA TYR B 15 -4.88 -2.98 -7.53
C TYR B 15 -6.08 -3.49 -6.73
N LEU B 16 -6.64 -2.75 -5.77
CA LEU B 16 -7.79 -3.18 -5.00
C LEU B 16 -9.07 -2.45 -5.44
N ASN B 17 -8.90 -1.53 -6.37
CA ASN B 17 -9.91 -0.70 -6.97
C ASN B 17 -10.10 -1.08 -8.43
N VAL B 18 -9.01 -1.33 -9.14
CA VAL B 18 -9.03 -1.71 -10.54
C VAL B 18 -9.40 -3.18 -10.69
N VAL B 19 -8.89 -4.08 -9.84
CA VAL B 19 -9.18 -5.50 -9.94
C VAL B 19 -10.66 -5.79 -9.75
N THR B 20 -11.23 -5.21 -8.70
CA THR B 20 -12.62 -5.34 -8.36
C THR B 20 -13.52 -4.79 -9.48
N ARG B 21 -13.05 -3.80 -10.23
CA ARG B 21 -13.80 -3.18 -11.32
C ARG B 21 -14.09 -4.11 -12.49
N HIS B 22 -13.40 -5.25 -12.53
CA HIS B 22 -13.57 -6.29 -13.53
C HIS B 22 -14.51 -7.34 -12.92
N ARG B 23 -15.55 -6.86 -12.22
CA ARG B 23 -16.57 -7.66 -11.54
C ARG B 23 -15.92 -8.75 -10.70
N TYR B 24 -14.98 -8.35 -9.83
CA TYR B 24 -14.22 -9.21 -8.93
C TYR B 24 -13.38 -10.26 -9.67
N GLY A 1 20.06 -11.33 -0.46
CA GLY A 1 20.32 -9.94 -0.08
C GLY A 1 19.68 -9.61 1.27
N PRO A 2 19.39 -8.33 1.55
CA PRO A 2 18.80 -7.93 2.82
C PRO A 2 17.36 -8.41 2.92
N SER A 3 16.92 -8.83 4.11
CA SER A 3 15.56 -9.30 4.31
C SER A 3 14.59 -8.17 4.65
N GLN A 4 15.07 -7.02 5.16
CA GLN A 4 14.26 -5.86 5.56
C GLN A 4 12.92 -6.30 6.19
N PRO A 5 12.96 -7.07 7.30
CA PRO A 5 11.77 -7.56 7.99
C PRO A 5 11.02 -6.40 8.64
N THR A 6 9.80 -6.69 9.08
CA THR A 6 8.93 -5.70 9.72
C THR A 6 8.48 -6.25 11.06
N TYR A 7 9.31 -5.95 12.05
CA TYR A 7 9.23 -6.30 13.45
C TYR A 7 9.04 -5.03 14.29
N PRO A 8 7.80 -4.52 14.45
CA PRO A 8 7.54 -3.32 15.22
C PRO A 8 7.71 -3.56 16.72
N GLY A 9 7.79 -2.49 17.50
CA GLY A 9 7.93 -2.51 18.95
C GLY A 9 7.45 -1.22 19.62
N PRO B 1 4.93 7.63 11.53
CA PRO B 1 4.98 8.02 10.13
C PRO B 1 3.57 7.94 9.57
N VAL B 2 3.19 8.93 8.76
CA VAL B 2 1.91 9.05 8.13
C VAL B 2 2.10 9.25 6.63
N GLU B 3 2.88 10.25 6.21
CA GLU B 3 3.12 10.51 4.78
C GLU B 3 3.75 9.29 4.12
N ASP B 4 4.76 8.71 4.78
CA ASP B 4 5.49 7.53 4.33
C ASP B 4 4.62 6.28 4.33
N LEU B 5 3.65 6.22 5.24
CA LEU B 5 2.71 5.13 5.45
C LEU B 5 1.55 5.13 4.46
N ILE B 6 0.84 6.25 4.33
CA ILE B 6 -0.31 6.40 3.45
C ILE B 6 0.04 6.34 1.98
N ARG B 7 1.15 6.92 1.53
CA ARG B 7 1.49 6.89 0.10
C ARG B 7 1.85 5.51 -0.42
N PHE B 8 2.34 4.67 0.47
CA PHE B 8 2.73 3.31 0.15
C PHE B 8 1.45 2.53 -0.12
N TYR B 9 0.43 2.73 0.73
CA TYR B 9 -0.83 2.03 0.58
C TYR B 9 -1.62 2.57 -0.61
N ASN B 10 -1.62 3.89 -0.79
CA ASN B 10 -2.33 4.55 -1.88
C ASN B 10 -1.84 4.05 -3.24
N ASP B 11 -0.53 3.78 -3.36
CA ASP B 11 0.05 3.26 -4.61
C ASP B 11 -0.34 1.79 -4.78
N LEU B 12 -0.20 1.00 -3.72
CA LEU B 12 -0.51 -0.43 -3.67
C LEU B 12 -1.99 -0.69 -4.04
N GLN B 13 -2.87 0.20 -3.58
CA GLN B 13 -4.32 0.21 -3.73
C GLN B 13 -4.86 0.22 -5.17
N GLN B 14 -4.10 0.60 -6.21
CA GLN B 14 -4.64 0.59 -7.58
C GLN B 14 -5.11 -0.84 -7.91
N TYR B 15 -4.29 -1.84 -7.59
CA TYR B 15 -4.61 -3.25 -7.82
C TYR B 15 -5.79 -3.70 -6.96
N LEU B 16 -6.28 -2.90 -6.01
CA LEU B 16 -7.38 -3.22 -5.14
C LEU B 16 -8.66 -2.48 -5.46
N ASN B 17 -8.58 -1.60 -6.44
CA ASN B 17 -9.68 -0.76 -6.91
C ASN B 17 -10.02 -1.10 -8.36
N VAL B 18 -8.99 -1.34 -9.19
CA VAL B 18 -9.18 -1.66 -10.59
C VAL B 18 -9.62 -3.13 -10.71
N VAL B 19 -9.12 -4.01 -9.82
CA VAL B 19 -9.42 -5.43 -9.85
C VAL B 19 -10.85 -5.71 -9.44
N THR B 20 -11.24 -5.08 -8.34
CA THR B 20 -12.55 -5.22 -7.76
C THR B 20 -13.65 -4.72 -8.69
N ARG B 21 -13.31 -3.82 -9.62
CA ARG B 21 -14.25 -3.28 -10.61
C ARG B 21 -14.74 -4.39 -11.56
N HIS B 22 -14.12 -5.57 -11.49
CA HIS B 22 -14.39 -6.75 -12.26
C HIS B 22 -14.52 -8.01 -11.40
N ARG B 23 -14.28 -7.90 -10.09
CA ARG B 23 -14.33 -8.97 -9.11
C ARG B 23 -14.17 -8.46 -7.67
N TYR B 24 -15.13 -7.69 -7.15
CA TYR B 24 -15.08 -7.21 -5.78
C TYR B 24 -15.44 -8.40 -4.88
N GLY A 1 12.49 -10.12 -3.38
CA GLY A 1 11.14 -10.00 -2.85
C GLY A 1 11.18 -9.48 -1.42
N PRO A 2 10.11 -8.81 -0.99
CA PRO A 2 10.06 -8.24 0.35
C PRO A 2 10.05 -9.33 1.42
N SER A 3 10.84 -9.10 2.45
CA SER A 3 11.04 -9.91 3.63
C SER A 3 11.52 -8.94 4.71
N GLN A 4 11.49 -9.37 5.96
CA GLN A 4 11.90 -8.64 7.15
C GLN A 4 11.40 -7.19 7.11
N PRO A 5 10.07 -6.97 7.15
CA PRO A 5 9.48 -5.64 7.11
C PRO A 5 9.77 -4.86 8.39
N THR A 6 9.65 -3.54 8.34
CA THR A 6 9.89 -2.67 9.48
C THR A 6 8.58 -2.01 9.92
N TYR A 7 8.53 -1.50 11.14
CA TYR A 7 7.38 -0.83 11.72
C TYR A 7 7.77 0.61 12.08
N PRO A 8 6.81 1.54 12.17
CA PRO A 8 7.08 2.93 12.50
C PRO A 8 7.39 3.06 13.99
N GLY A 9 7.95 4.20 14.37
CA GLY A 9 8.29 4.48 15.75
C GLY A 9 8.69 5.94 15.92
N PRO B 1 4.74 12.28 8.99
CA PRO B 1 4.40 12.34 7.58
C PRO B 1 2.96 11.83 7.49
N VAL B 2 2.11 12.45 6.67
CA VAL B 2 0.71 12.05 6.56
C VAL B 2 0.30 11.91 5.10
N GLU B 3 0.30 12.99 4.33
CA GLU B 3 -0.09 12.91 2.92
C GLU B 3 0.98 12.14 2.14
N ASP B 4 2.22 12.50 2.42
CA ASP B 4 3.45 11.97 1.83
C ASP B 4 3.79 10.58 2.38
N LEU B 5 2.87 9.98 3.14
CA LEU B 5 2.98 8.66 3.75
C LEU B 5 1.95 7.71 3.14
N ILE B 6 0.66 8.06 3.20
CA ILE B 6 -0.44 7.24 2.67
C ILE B 6 -0.26 6.83 1.20
N ARG B 7 0.49 7.60 0.40
CA ARG B 7 0.73 7.27 -1.00
C ARG B 7 1.46 5.94 -1.17
N PHE B 8 2.22 5.55 -0.16
CA PHE B 8 3.01 4.33 -0.11
C PHE B 8 2.16 3.09 0.13
N TYR B 9 0.88 3.25 0.44
CA TYR B 9 -0.05 2.16 0.68
C TYR B 9 -1.17 2.21 -0.36
N ASN B 10 -1.55 3.43 -0.76
CA ASN B 10 -2.57 3.71 -1.75
C ASN B 10 -2.14 3.19 -3.11
N ASP B 11 -0.85 3.26 -3.43
CA ASP B 11 -0.28 2.77 -4.69
C ASP B 11 -0.53 1.26 -4.81
N LEU B 12 -0.39 0.55 -3.70
CA LEU B 12 -0.59 -0.89 -3.62
C LEU B 12 -2.09 -1.18 -3.72
N GLN B 13 -2.93 -0.38 -3.04
CA GLN B 13 -4.39 -0.51 -3.08
C GLN B 13 -4.96 -0.27 -4.49
N GLN B 14 -4.17 0.24 -5.45
CA GLN B 14 -4.62 0.46 -6.82
C GLN B 14 -5.12 -0.88 -7.37
N TYR B 15 -4.40 -1.97 -7.08
CA TYR B 15 -4.74 -3.33 -7.49
C TYR B 15 -6.00 -3.83 -6.77
N LEU B 16 -6.52 -3.11 -5.77
CA LEU B 16 -7.73 -3.47 -5.04
C LEU B 16 -8.92 -2.59 -5.42
N ASN B 17 -8.68 -1.59 -6.25
CA ASN B 17 -9.66 -0.62 -6.74
C ASN B 17 -9.93 -0.86 -8.22
N VAL B 18 -8.89 -1.20 -8.98
CA VAL B 18 -8.99 -1.45 -10.41
C VAL B 18 -9.41 -2.91 -10.65
N VAL B 19 -8.90 -3.88 -9.88
CA VAL B 19 -9.25 -5.28 -10.08
C VAL B 19 -10.72 -5.51 -9.79
N THR B 20 -11.18 -4.93 -8.68
CA THR B 20 -12.54 -5.01 -8.24
C THR B 20 -13.48 -4.33 -9.23
N ARG B 21 -12.98 -3.35 -9.99
CA ARG B 21 -13.82 -2.65 -10.97
C ARG B 21 -14.29 -3.55 -12.10
N HIS B 22 -13.67 -4.71 -12.25
CA HIS B 22 -13.94 -5.70 -13.27
C HIS B 22 -14.07 -7.13 -12.72
N ARG B 23 -13.94 -7.33 -11.41
CA ARG B 23 -14.03 -8.65 -10.78
C ARG B 23 -14.26 -8.60 -9.26
N TYR B 24 -14.94 -7.58 -8.71
CA TYR B 24 -15.18 -7.52 -7.27
C TYR B 24 -15.88 -8.79 -6.78
N GLY A 1 -3.78 -12.35 4.84
CA GLY A 1 -4.80 -11.45 5.39
C GLY A 1 -4.69 -10.08 4.75
N PRO A 2 -5.58 -9.70 3.81
CA PRO A 2 -5.51 -8.38 3.18
C PRO A 2 -5.65 -7.22 4.18
N SER A 3 -6.58 -7.28 5.14
CA SER A 3 -6.73 -6.19 6.11
C SER A 3 -5.47 -6.10 6.96
N GLN A 4 -4.93 -4.88 7.11
CA GLN A 4 -3.73 -4.54 7.86
C GLN A 4 -4.00 -3.23 8.62
N PRO A 5 -4.59 -3.28 9.83
CA PRO A 5 -4.91 -2.11 10.66
C PRO A 5 -3.65 -1.48 11.27
N THR A 6 -3.22 -0.33 10.75
CA THR A 6 -2.04 0.39 11.24
C THR A 6 -2.38 1.14 12.52
N TYR A 7 -1.47 1.18 13.51
CA TYR A 7 -1.71 1.88 14.75
C TYR A 7 -0.45 2.65 15.20
N PRO A 8 -0.18 3.84 14.63
CA PRO A 8 0.99 4.65 14.98
C PRO A 8 0.80 5.31 16.36
N GLY A 9 1.85 5.93 16.91
CA GLY A 9 1.75 6.61 18.19
C GLY A 9 3.04 7.06 18.88
N PRO B 1 10.40 7.49 6.82
CA PRO B 1 10.23 8.23 5.58
C PRO B 1 8.81 7.99 5.04
N VAL B 2 7.89 8.81 5.52
CA VAL B 2 6.46 8.82 5.23
C VAL B 2 6.19 8.66 3.73
N GLU B 3 6.76 9.53 2.89
CA GLU B 3 6.58 9.54 1.45
C GLU B 3 6.89 8.21 0.76
N ASP B 4 7.87 7.45 1.26
CA ASP B 4 8.27 6.18 0.69
C ASP B 4 7.30 5.06 1.10
N LEU B 5 6.84 5.10 2.34
CA LEU B 5 5.94 4.12 2.91
C LEU B 5 4.49 4.31 2.46
N ILE B 6 3.98 5.55 2.48
CA ILE B 6 2.59 5.80 2.10
C ILE B 6 2.30 5.46 0.64
N ARG B 7 3.28 5.53 -0.26
CA ARG B 7 3.01 5.22 -1.66
C ARG B 7 2.66 3.75 -1.87
N PHE B 8 3.14 2.89 -0.98
CA PHE B 8 2.88 1.45 -1.03
C PHE B 8 1.51 1.10 -0.43
N TYR B 9 0.74 2.10 -0.01
CA TYR B 9 -0.60 1.95 0.55
C TYR B 9 -1.57 2.76 -0.30
N ASN B 10 -1.20 4.00 -0.68
CA ASN B 10 -2.02 4.86 -1.50
C ASN B 10 -2.21 4.18 -2.86
N ASP B 11 -1.17 3.59 -3.45
CA ASP B 11 -1.27 2.92 -4.74
C ASP B 11 -2.00 1.58 -4.56
N LEU B 12 -2.00 1.00 -3.35
CA LEU B 12 -2.68 -0.26 -3.07
C LEU B 12 -4.19 -0.02 -3.16
N GLN B 13 -4.66 1.20 -2.88
CA GLN B 13 -6.07 1.54 -2.99
C GLN B 13 -6.45 1.47 -4.47
N GLN B 14 -5.58 1.95 -5.36
CA GLN B 14 -5.83 1.91 -6.80
C GLN B 14 -5.89 0.44 -7.25
N TYR B 15 -5.02 -0.42 -6.72
CA TYR B 15 -5.03 -1.85 -7.04
C TYR B 15 -6.39 -2.40 -6.60
N LEU B 16 -6.87 -2.05 -5.40
CA LEU B 16 -8.13 -2.53 -4.90
C LEU B 16 -9.33 -1.85 -5.58
N ASN B 17 -9.11 -0.86 -6.45
CA ASN B 17 -10.19 -0.17 -7.18
C ASN B 17 -10.19 -0.48 -8.68
N VAL B 18 -9.08 -1.00 -9.19
CA VAL B 18 -8.90 -1.34 -10.61
C VAL B 18 -8.58 -2.82 -10.88
N VAL B 19 -7.96 -3.57 -9.96
CA VAL B 19 -7.63 -4.97 -10.20
C VAL B 19 -8.80 -5.91 -9.98
N THR B 20 -9.22 -6.05 -8.72
CA THR B 20 -10.32 -6.88 -8.28
C THR B 20 -11.65 -6.44 -8.91
N ARG B 21 -11.79 -5.15 -9.22
CA ARG B 21 -12.97 -4.57 -9.87
C ARG B 21 -13.13 -5.10 -11.28
N HIS B 22 -12.08 -5.72 -11.82
CA HIS B 22 -12.01 -6.33 -13.13
C HIS B 22 -12.07 -7.85 -12.97
N ARG B 23 -13.08 -8.30 -12.20
CA ARG B 23 -13.41 -9.68 -11.85
C ARG B 23 -12.16 -10.48 -11.51
N TYR B 24 -11.47 -10.07 -10.45
CA TYR B 24 -10.25 -10.72 -10.00
C TYR B 24 -10.31 -10.99 -8.50
N GLY A 1 17.57 9.07 -2.17
CA GLY A 1 18.14 8.64 -0.90
C GLY A 1 18.69 7.23 -0.99
N PRO A 2 18.06 6.23 -0.37
CA PRO A 2 18.53 4.85 -0.39
C PRO A 2 18.66 4.31 -1.82
N SER A 3 19.74 3.58 -2.08
CA SER A 3 20.06 2.98 -3.37
C SER A 3 20.20 1.46 -3.30
N GLN A 4 20.13 0.84 -2.11
CA GLN A 4 20.24 -0.62 -1.95
C GLN A 4 19.63 -1.04 -0.60
N PRO A 5 18.33 -0.79 -0.35
CA PRO A 5 17.68 -1.16 0.91
C PRO A 5 17.67 -2.69 1.10
N THR A 6 17.61 -3.11 2.35
CA THR A 6 17.58 -4.52 2.77
C THR A 6 16.55 -4.64 3.91
N TYR A 7 15.42 -3.95 3.72
CA TYR A 7 14.27 -3.83 4.60
C TYR A 7 14.61 -3.74 6.10
N PRO A 8 15.30 -2.67 6.54
CA PRO A 8 15.63 -2.50 7.95
C PRO A 8 14.36 -2.16 8.73
N GLY A 9 14.47 -2.17 10.05
CA GLY A 9 13.41 -1.86 10.99
C GLY A 9 14.05 -1.24 12.23
N PRO B 1 9.31 7.21 8.81
CA PRO B 1 8.70 7.72 7.60
C PRO B 1 7.19 7.52 7.80
N VAL B 2 6.38 8.54 7.51
CA VAL B 2 4.95 8.48 7.63
C VAL B 2 4.41 9.00 6.31
N GLU B 3 4.76 10.23 5.93
CA GLU B 3 4.30 10.85 4.69
C GLU B 3 4.85 10.06 3.48
N ASP B 4 6.07 9.52 3.62
CA ASP B 4 6.75 8.73 2.60
C ASP B 4 6.27 7.28 2.61
N LEU B 5 5.76 6.80 3.76
CA LEU B 5 5.29 5.43 3.96
C LEU B 5 3.85 5.27 3.49
N ILE B 6 2.94 6.16 3.90
CA ILE B 6 1.54 6.08 3.52
C ILE B 6 1.34 6.18 2.01
N ARG B 7 2.23 6.88 1.28
CA ARG B 7 2.08 6.98 -0.16
C ARG B 7 2.50 5.72 -0.90
N PHE B 8 3.40 4.96 -0.29
CA PHE B 8 3.89 3.71 -0.84
C PHE B 8 2.78 2.66 -0.69
N TYR B 9 1.92 2.82 0.31
CA TYR B 9 0.80 1.93 0.59
C TYR B 9 -0.47 2.35 -0.14
N ASN B 10 -0.73 3.66 -0.24
CA ASN B 10 -1.92 4.17 -0.91
C ASN B 10 -1.94 3.79 -2.39
N ASP B 11 -0.77 3.63 -3.01
CA ASP B 11 -0.73 3.24 -4.42
C ASP B 11 -1.25 1.80 -4.59
N LEU B 12 -1.32 1.00 -3.51
CA LEU B 12 -1.83 -0.37 -3.53
C LEU B 12 -3.36 -0.36 -3.58
N GLN B 13 -4.00 0.77 -3.28
CA GLN B 13 -5.47 0.92 -3.31
C GLN B 13 -5.93 0.71 -4.75
N GLN B 14 -5.07 1.04 -5.72
CA GLN B 14 -5.34 0.88 -7.13
C GLN B 14 -5.62 -0.59 -7.44
N TYR B 15 -4.88 -1.52 -6.81
CA TYR B 15 -5.11 -2.95 -7.04
C TYR B 15 -6.53 -3.28 -6.60
N LEU B 16 -6.89 -3.01 -5.35
CA LEU B 16 -8.24 -3.30 -4.86
C LEU B 16 -9.33 -2.55 -5.63
N ASN B 17 -9.02 -1.48 -6.36
CA ASN B 17 -9.99 -0.69 -7.10
C ASN B 17 -10.11 -1.03 -8.59
N VAL B 18 -9.04 -1.52 -9.20
CA VAL B 18 -8.98 -1.89 -10.61
C VAL B 18 -9.16 -3.41 -10.76
N VAL B 19 -8.74 -4.22 -9.79
CA VAL B 19 -8.89 -5.67 -9.86
C VAL B 19 -10.37 -6.02 -9.77
N THR B 20 -11.04 -5.45 -8.78
CA THR B 20 -12.45 -5.66 -8.51
C THR B 20 -13.33 -5.23 -9.68
N ARG B 21 -12.87 -4.23 -10.45
CA ARG B 21 -13.59 -3.72 -11.63
C ARG B 21 -13.75 -4.75 -12.73
N HIS B 22 -13.03 -5.86 -12.63
CA HIS B 22 -13.01 -6.97 -13.55
C HIS B 22 -12.82 -8.32 -12.88
N ARG B 23 -12.85 -8.39 -11.54
CA ARG B 23 -12.63 -9.64 -10.81
C ARG B 23 -13.15 -9.67 -9.36
N TYR B 24 -14.11 -8.83 -8.98
CA TYR B 24 -14.66 -8.82 -7.62
C TYR B 24 -15.24 -10.22 -7.31
N GLY A 1 22.80 -5.65 6.35
CA GLY A 1 23.54 -5.07 5.24
C GLY A 1 22.67 -4.12 4.43
N PRO A 2 22.82 -4.09 3.10
CA PRO A 2 22.06 -3.20 2.22
C PRO A 2 20.60 -3.60 1.99
N SER A 3 20.18 -4.77 2.49
CA SER A 3 18.82 -5.29 2.36
C SER A 3 17.82 -4.37 3.08
N GLN A 4 17.98 -4.24 4.39
CA GLN A 4 17.14 -3.43 5.26
C GLN A 4 18.02 -2.63 6.25
N PRO A 5 18.92 -1.75 5.76
CA PRO A 5 19.77 -0.95 6.64
C PRO A 5 18.87 0.07 7.33
N THR A 6 18.33 -0.29 8.49
CA THR A 6 17.44 0.57 9.24
C THR A 6 18.18 1.84 9.65
N TYR A 7 17.42 2.92 9.87
CA TYR A 7 17.98 4.21 10.25
C TYR A 7 17.13 4.86 11.34
N PRO A 8 17.09 4.28 12.57
CA PRO A 8 16.31 4.83 13.67
C PRO A 8 16.96 6.13 14.16
N GLY A 9 16.14 7.10 14.56
CA GLY A 9 16.60 8.40 15.04
C GLY A 9 15.55 9.16 15.83
N PRO B 1 9.92 8.67 5.98
CA PRO B 1 9.44 8.58 4.62
C PRO B 1 8.02 9.14 4.62
N VAL B 2 7.67 9.96 3.64
CA VAL B 2 6.36 10.56 3.51
C VAL B 2 5.86 10.30 2.10
N GLU B 3 6.59 10.74 1.07
CA GLU B 3 6.18 10.52 -0.32
C GLU B 3 5.98 9.02 -0.60
N ASP B 4 6.96 8.21 -0.24
CA ASP B 4 6.92 6.77 -0.45
C ASP B 4 5.90 6.09 0.45
N LEU B 5 5.74 6.60 1.67
CA LEU B 5 4.81 6.06 2.65
C LEU B 5 3.39 6.20 2.10
N ILE B 6 3.01 7.40 1.69
CA ILE B 6 1.68 7.61 1.16
C ILE B 6 1.52 6.86 -0.17
N ARG B 7 2.59 6.78 -0.98
CA ARG B 7 2.56 6.08 -2.26
C ARG B 7 2.40 4.58 -2.13
N PHE B 8 2.85 4.02 -1.02
CA PHE B 8 2.77 2.58 -0.74
C PHE B 8 1.41 2.21 -0.15
N TYR B 9 0.63 3.19 0.28
CA TYR B 9 -0.70 2.95 0.80
C TYR B 9 -1.68 3.18 -0.35
N ASN B 10 -1.40 4.19 -1.19
CA ASN B 10 -2.18 4.57 -2.35
C ASN B 10 -2.17 3.43 -3.37
N ASP B 11 -0.99 2.97 -3.76
CA ASP B 11 -0.84 1.90 -4.74
C ASP B 11 -1.47 0.58 -4.27
N LEU B 12 -1.39 0.30 -2.98
CA LEU B 12 -1.93 -0.90 -2.35
C LEU B 12 -3.45 -0.91 -2.40
N GLN B 13 -4.11 0.25 -2.33
CA GLN B 13 -5.57 0.32 -2.40
C GLN B 13 -6.04 0.53 -3.84
N GLN B 14 -5.33 1.32 -4.64
CA GLN B 14 -5.68 1.60 -6.02
C GLN B 14 -5.75 0.32 -6.83
N TYR B 15 -4.74 -0.56 -6.69
CA TYR B 15 -4.75 -1.82 -7.43
C TYR B 15 -5.93 -2.64 -6.95
N LEU B 16 -6.15 -2.81 -5.65
CA LEU B 16 -7.26 -3.58 -5.11
C LEU B 16 -8.63 -2.94 -5.41
N ASN B 17 -8.70 -1.75 -6.01
CA ASN B 17 -9.96 -1.09 -6.34
C ASN B 17 -10.22 -1.06 -7.84
N VAL B 18 -9.16 -1.07 -8.64
CA VAL B 18 -9.22 -1.04 -10.11
C VAL B 18 -9.11 -2.47 -10.68
N VAL B 19 -8.31 -3.35 -10.06
CA VAL B 19 -8.13 -4.72 -10.50
C VAL B 19 -9.44 -5.47 -10.33
N THR B 20 -10.04 -5.30 -9.16
CA THR B 20 -11.29 -5.91 -8.78
C THR B 20 -12.45 -5.48 -9.65
N ARG B 21 -12.41 -4.24 -10.15
CA ARG B 21 -13.46 -3.66 -10.98
C ARG B 21 -13.61 -4.35 -12.33
N HIS B 22 -12.62 -5.15 -12.70
CA HIS B 22 -12.53 -5.93 -13.91
C HIS B 22 -12.88 -7.39 -13.57
N ARG B 23 -13.76 -7.62 -12.59
CA ARG B 23 -14.21 -8.93 -12.11
C ARG B 23 -12.99 -9.76 -11.68
N TYR B 24 -12.19 -9.20 -10.77
CA TYR B 24 -11.00 -9.85 -10.25
C TYR B 24 -10.99 -9.75 -8.73
N GLY A 1 19.37 -28.31 4.33
CA GLY A 1 17.96 -27.94 4.26
C GLY A 1 17.72 -26.75 5.16
N PRO A 2 17.72 -25.52 4.62
CA PRO A 2 17.51 -24.32 5.43
C PRO A 2 16.10 -24.26 6.00
N SER A 3 15.93 -23.37 6.98
CA SER A 3 14.71 -23.08 7.70
C SER A 3 14.20 -21.71 7.24
N GLN A 4 13.14 -21.21 7.89
CA GLN A 4 12.56 -19.91 7.62
C GLN A 4 12.53 -19.15 8.96
N PRO A 5 13.70 -18.82 9.54
CA PRO A 5 13.74 -18.09 10.80
C PRO A 5 13.21 -16.66 10.61
N THR A 6 13.10 -15.92 11.70
CA THR A 6 12.60 -14.54 11.67
C THR A 6 13.65 -13.58 11.08
N TYR A 7 13.23 -12.37 10.76
CA TYR A 7 14.05 -11.31 10.14
C TYR A 7 14.21 -10.07 11.04
N PRO A 8 15.06 -9.10 10.66
CA PRO A 8 15.26 -7.87 11.40
C PRO A 8 13.99 -6.99 11.30
N GLY A 9 14.01 -5.82 11.94
CA GLY A 9 12.90 -4.89 11.95
C GLY A 9 12.21 -4.95 13.29
N PRO B 1 9.50 4.98 9.35
CA PRO B 1 9.17 5.72 8.15
C PRO B 1 7.64 5.88 8.18
N VAL B 2 7.13 7.06 7.84
CA VAL B 2 5.72 7.34 7.83
C VAL B 2 5.39 7.93 6.46
N GLU B 3 5.98 9.05 6.08
CA GLU B 3 5.73 9.68 4.79
C GLU B 3 6.09 8.76 3.61
N ASP B 4 7.14 7.96 3.75
CA ASP B 4 7.59 7.04 2.70
C ASP B 4 7.11 5.60 2.98
N LEU B 5 6.11 5.45 3.85
CA LEU B 5 5.49 4.18 4.22
C LEU B 5 4.02 4.22 3.82
N ILE B 6 3.32 5.30 4.14
CA ILE B 6 1.90 5.44 3.82
C ILE B 6 1.68 5.51 2.31
N ARG B 7 2.64 6.08 1.58
CA ARG B 7 2.57 6.23 0.14
C ARG B 7 2.59 4.92 -0.62
N PHE B 8 3.19 3.89 -0.03
CA PHE B 8 3.25 2.60 -0.67
C PHE B 8 1.87 1.96 -0.59
N TYR B 9 1.22 2.08 0.57
CA TYR B 9 -0.10 1.50 0.77
C TYR B 9 -1.15 2.23 -0.05
N ASN B 10 -1.11 3.56 -0.06
CA ASN B 10 -2.08 4.32 -0.83
C ASN B 10 -1.90 4.06 -2.33
N ASP B 11 -0.70 3.71 -2.80
CA ASP B 11 -0.51 3.42 -4.22
C ASP B 11 -1.13 2.07 -4.60
N LEU B 12 -1.43 1.21 -3.63
CA LEU B 12 -2.06 -0.09 -3.88
C LEU B 12 -3.56 0.10 -4.11
N GLN B 13 -4.12 1.29 -3.84
CA GLN B 13 -5.53 1.57 -4.05
C GLN B 13 -5.94 1.37 -5.50
N GLN B 14 -5.07 1.71 -6.47
CA GLN B 14 -5.39 1.54 -7.88
C GLN B 14 -5.67 0.07 -8.20
N TYR B 15 -4.86 -0.81 -7.62
CA TYR B 15 -4.96 -2.25 -7.76
C TYR B 15 -6.24 -2.66 -7.06
N LEU B 16 -6.50 -2.20 -5.84
CA LEU B 16 -7.69 -2.52 -5.10
C LEU B 16 -8.97 -1.91 -5.74
N ASN B 17 -8.84 -1.13 -6.81
CA ASN B 17 -9.92 -0.49 -7.56
C ASN B 17 -10.12 -1.18 -8.92
N VAL B 18 -9.02 -1.64 -9.54
CA VAL B 18 -9.00 -2.33 -10.83
C VAL B 18 -9.23 -3.84 -10.63
N VAL B 19 -8.53 -4.45 -9.68
CA VAL B 19 -8.61 -5.86 -9.40
C VAL B 19 -10.03 -6.23 -8.99
N THR B 20 -10.57 -5.46 -8.06
CA THR B 20 -11.89 -5.65 -7.54
C THR B 20 -12.96 -5.41 -8.59
N ARG B 21 -12.69 -4.61 -9.63
CA ARG B 21 -13.69 -4.37 -10.68
C ARG B 21 -14.02 -5.64 -11.46
N HIS B 22 -13.17 -6.64 -11.32
CA HIS B 22 -13.24 -7.95 -11.94
C HIS B 22 -13.17 -9.09 -10.93
N ARG B 23 -12.96 -8.78 -9.65
CA ARG B 23 -12.83 -9.75 -8.56
C ARG B 23 -12.91 -9.11 -7.17
N TYR B 24 -14.00 -8.41 -6.83
CA TYR B 24 -14.13 -7.81 -5.49
C TYR B 24 -14.24 -8.94 -4.45
N GLY A 1 21.12 -13.84 3.94
CA GLY A 1 19.76 -13.48 4.33
C GLY A 1 19.10 -12.72 3.19
N PRO A 2 17.76 -12.73 3.07
CA PRO A 2 17.07 -12.00 2.00
C PRO A 2 17.25 -10.48 2.16
N SER A 3 17.52 -10.03 3.39
CA SER A 3 17.70 -8.66 3.77
C SER A 3 19.05 -8.46 4.44
N GLN A 4 19.68 -7.34 4.12
CA GLN A 4 20.96 -6.92 4.67
C GLN A 4 20.98 -5.38 4.71
N PRO A 5 19.99 -4.72 5.35
CA PRO A 5 19.91 -3.27 5.43
C PRO A 5 21.08 -2.73 6.25
N THR A 6 22.01 -2.05 5.59
CA THR A 6 23.19 -1.47 6.22
C THR A 6 22.85 -0.19 6.99
N TYR A 7 21.62 0.32 6.87
CA TYR A 7 21.15 1.54 7.53
C TYR A 7 20.17 1.13 8.64
N PRO A 8 20.64 0.88 9.88
CA PRO A 8 19.79 0.48 10.99
C PRO A 8 18.88 1.61 11.45
N GLY A 9 17.57 1.47 11.23
CA GLY A 9 16.57 2.46 11.63
C GLY A 9 16.36 2.48 13.13
N PRO B 1 9.99 9.76 7.77
CA PRO B 1 9.28 9.81 6.50
C PRO B 1 7.83 9.47 6.85
N VAL B 2 6.89 10.25 6.33
CA VAL B 2 5.48 10.10 6.55
C VAL B 2 4.81 10.12 5.19
N GLU B 3 4.74 11.29 4.54
CA GLU B 3 4.16 11.42 3.22
C GLU B 3 5.02 10.60 2.23
N ASP B 4 6.31 10.43 2.55
CA ASP B 4 7.30 9.68 1.78
C ASP B 4 7.44 8.24 2.30
N LEU B 5 6.39 7.74 2.98
CA LEU B 5 6.32 6.39 3.53
C LEU B 5 4.96 5.77 3.18
N ILE B 6 3.85 6.47 3.42
CA ILE B 6 2.52 5.91 3.12
C ILE B 6 2.28 5.79 1.62
N ARG B 7 3.10 6.43 0.79
CA ARG B 7 3.00 6.40 -0.66
C ARG B 7 3.15 4.99 -1.26
N PHE B 8 3.60 4.00 -0.49
CA PHE B 8 3.74 2.62 -0.95
C PHE B 8 2.55 1.76 -0.50
N TYR B 9 1.68 2.29 0.38
CA TYR B 9 0.49 1.60 0.90
C TYR B 9 -0.76 2.19 0.24
N ASN B 10 -0.77 3.52 0.04
CA ASN B 10 -1.87 4.23 -0.57
C ASN B 10 -2.06 3.82 -2.03
N ASP B 11 -1.00 3.38 -2.70
CA ASP B 11 -1.04 2.94 -4.10
C ASP B 11 -1.94 1.71 -4.24
N LEU B 12 -2.10 0.91 -3.19
CA LEU B 12 -2.94 -0.29 -3.19
C LEU B 12 -4.40 0.08 -3.46
N GLN B 13 -4.76 1.34 -3.25
CA GLN B 13 -6.12 1.80 -3.49
C GLN B 13 -6.46 1.64 -4.98
N GLN B 14 -5.52 1.93 -5.87
CA GLN B 14 -5.75 1.80 -7.31
C GLN B 14 -5.86 0.33 -7.72
N TYR B 15 -5.09 -0.56 -7.07
CA TYR B 15 -5.10 -2.00 -7.35
C TYR B 15 -6.53 -2.50 -7.16
N LEU B 16 -7.14 -2.30 -5.99
CA LEU B 16 -8.49 -2.74 -5.74
C LEU B 16 -9.50 -2.06 -6.68
N ASN B 17 -9.17 -0.85 -7.16
CA ASN B 17 -10.00 -0.07 -8.07
C ASN B 17 -10.03 -0.65 -9.49
N VAL B 18 -9.20 -1.63 -9.80
CA VAL B 18 -9.16 -2.26 -11.11
C VAL B 18 -9.14 -3.78 -11.01
N VAL B 19 -8.21 -4.35 -10.22
CA VAL B 19 -8.05 -5.79 -10.05
C VAL B 19 -9.35 -6.48 -9.69
N THR B 20 -9.84 -6.24 -8.49
CA THR B 20 -11.07 -6.83 -8.00
C THR B 20 -12.27 -6.11 -8.60
N ARG B 21 -12.14 -4.84 -8.98
CA ARG B 21 -13.23 -4.05 -9.55
C ARG B 21 -13.71 -4.60 -10.90
N HIS B 22 -12.91 -5.45 -11.51
CA HIS B 22 -13.18 -6.08 -12.80
C HIS B 22 -13.11 -7.60 -12.64
N ARG B 23 -14.01 -8.11 -11.77
CA ARG B 23 -14.23 -9.51 -11.43
C ARG B 23 -12.93 -10.28 -11.10
N TYR B 24 -12.13 -9.80 -10.15
CA TYR B 24 -10.86 -10.43 -9.74
C TYR B 24 -10.03 -10.73 -11.00
#